data_1EHD
# 
_entry.id   1EHD 
# 
_audit_conform.dict_name       mmcif_pdbx.dic 
_audit_conform.dict_version    5.398 
_audit_conform.dict_location   http://mmcif.pdb.org/dictionaries/ascii/mmcif_pdbx.dic 
# 
loop_
_database_2.database_id 
_database_2.database_code 
_database_2.pdbx_database_accession 
_database_2.pdbx_DOI 
PDB   1EHD         pdb_00001ehd 10.2210/pdb1ehd/pdb 
RCSB  RCSB010572   ?            ?                   
WWPDB D_1000010572 ?            ?                   
# 
loop_
_pdbx_audit_revision_history.ordinal 
_pdbx_audit_revision_history.data_content_type 
_pdbx_audit_revision_history.major_revision 
_pdbx_audit_revision_history.minor_revision 
_pdbx_audit_revision_history.revision_date 
1 'Structure model' 1 0 2000-04-05 
2 'Structure model' 1 1 2008-04-27 
3 'Structure model' 1 2 2011-07-13 
4 'Structure model' 1 3 2017-10-04 
5 'Structure model' 1 4 2018-04-18 
6 'Structure model' 2 0 2019-12-25 
7 'Structure model' 2 1 2024-11-06 
# 
_pdbx_audit_revision_details.ordinal             1 
_pdbx_audit_revision_details.revision_ordinal    1 
_pdbx_audit_revision_details.data_content_type   'Structure model' 
_pdbx_audit_revision_details.provider            repository 
_pdbx_audit_revision_details.type                'Initial release' 
_pdbx_audit_revision_details.description         ? 
_pdbx_audit_revision_details.details             ? 
# 
loop_
_pdbx_audit_revision_group.ordinal 
_pdbx_audit_revision_group.revision_ordinal 
_pdbx_audit_revision_group.data_content_type 
_pdbx_audit_revision_group.group 
1  2 'Structure model' 'Version format compliance' 
2  3 'Structure model' 'Version format compliance' 
3  4 'Structure model' 'Refinement description'    
4  5 'Structure model' 'Data collection'           
5  6 'Structure model' 'Database references'       
6  6 'Structure model' 'Derived calculations'      
7  6 'Structure model' 'Polymer sequence'          
8  7 'Structure model' 'Data collection'           
9  7 'Structure model' 'Database references'       
10 7 'Structure model' 'Structure summary'         
# 
loop_
_pdbx_audit_revision_category.ordinal 
_pdbx_audit_revision_category.revision_ordinal 
_pdbx_audit_revision_category.data_content_type 
_pdbx_audit_revision_category.category 
1  4 'Structure model' software                  
2  5 'Structure model' diffrn_detector           
3  6 'Structure model' entity_poly               
4  6 'Structure model' pdbx_struct_mod_residue   
5  6 'Structure model' struct_conn               
6  6 'Structure model' struct_ref_seq_dif        
7  7 'Structure model' chem_comp_atom            
8  7 'Structure model' chem_comp_bond            
9  7 'Structure model' database_2                
10 7 'Structure model' pdbx_entry_details        
11 7 'Structure model' pdbx_modification_feature 
# 
loop_
_pdbx_audit_revision_item.ordinal 
_pdbx_audit_revision_item.revision_ordinal 
_pdbx_audit_revision_item.data_content_type 
_pdbx_audit_revision_item.item 
1 4 'Structure model' '_software.name'                            
2 5 'Structure model' '_diffrn_detector.detector'                 
3 6 'Structure model' '_entity_poly.pdbx_seq_one_letter_code_can' 
4 6 'Structure model' '_pdbx_struct_mod_residue.parent_comp_id'   
5 6 'Structure model' '_struct_conn.pdbx_leaving_atom_flag'       
6 7 'Structure model' '_database_2.pdbx_DOI'                      
7 7 'Structure model' '_database_2.pdbx_database_accession'       
# 
_pdbx_database_status.status_code                     REL 
_pdbx_database_status.entry_id                        1EHD 
_pdbx_database_status.recvd_initial_deposition_date   2000-02-20 
_pdbx_database_status.deposit_site                    RCSB 
_pdbx_database_status.process_site                    RCSB 
_pdbx_database_status.status_code_sf                  REL 
_pdbx_database_status.SG_entry                        . 
_pdbx_database_status.pdb_format_compatible           Y 
_pdbx_database_status.status_code_mr                  ? 
_pdbx_database_status.status_code_cs                  ? 
_pdbx_database_status.methods_development_category    ? 
_pdbx_database_status.status_code_nmr_data            ? 
# 
_pdbx_database_related.db_name        PDB 
_pdbx_database_related.db_id          1EHH 
_pdbx_database_related.details        'URTICA DIOICA AGGLUTININ IN COMPLEX WITH TRI-N-ACETYLCHITOTRIOSE' 
_pdbx_database_related.content_type   unspecified 
# 
loop_
_audit_author.name 
_audit_author.pdbx_ordinal 
'Harata, K.' 1 
'Muraki, M.' 2 
# 
_citation.id                        primary 
_citation.title                     'Crystal structures of Urtica dioica agglutinin and its complex with tri-N-acetylchitotriose.' 
_citation.journal_abbrev            J.Mol.Biol. 
_citation.journal_volume            297 
_citation.page_first                673 
_citation.page_last                 681 
_citation.year                      2000 
_citation.journal_id_ASTM           JMOBAK 
_citation.country                   UK 
_citation.journal_id_ISSN           0022-2836 
_citation.journal_id_CSD            0070 
_citation.book_publisher            ? 
_citation.pdbx_database_id_PubMed   10731420 
_citation.pdbx_database_id_DOI      10.1006/jmbi.2000.3594 
# 
loop_
_citation_author.citation_id 
_citation_author.name 
_citation_author.ordinal 
_citation_author.identifier_ORCID 
primary 'Harata, K.' 1 ? 
primary 'Muraki, M.' 2 ? 
# 
loop_
_entity.id 
_entity.type 
_entity.src_method 
_entity.pdbx_description 
_entity.formula_weight 
_entity.pdbx_number_of_molecules 
_entity.pdbx_ec 
_entity.pdbx_mutation 
_entity.pdbx_fragment 
_entity.details 
1 polymer nat 'AGGLUTININ ISOLECTIN VI' 9349.346 1  ? ? ? ? 
2 water   nat water                     18.015   54 ? ? ? ? 
# 
_entity_poly.entity_id                      1 
_entity_poly.type                           'polypeptide(L)' 
_entity_poly.nstd_linkage                   no 
_entity_poly.nstd_monomer                   yes 
_entity_poly.pdbx_seq_one_letter_code       
;(PCA)RCGSQGGGATCPGLRCCSIWGWCGDSEPYCGRTCENKCWSGERSDHRCGAAVGNPPCGQDRCCSVHGWCGGGNDY
CSGGKCQYRCSSS
;
_entity_poly.pdbx_seq_one_letter_code_can   
;QRCGSQGGGATCPGLRCCSIWGWCGDSEPYCGRTCENKCWSGERSDHRCGAAVGNPPCGQDRCCSVHGWCGGGNDYCSGG
KCQYRCSSS
;
_entity_poly.pdbx_strand_id                 A 
_entity_poly.pdbx_target_identifier         ? 
# 
_pdbx_entity_nonpoly.entity_id   2 
_pdbx_entity_nonpoly.name        water 
_pdbx_entity_nonpoly.comp_id     HOH 
# 
loop_
_entity_poly_seq.entity_id 
_entity_poly_seq.num 
_entity_poly_seq.mon_id 
_entity_poly_seq.hetero 
1 1  PCA n 
1 2  ARG n 
1 3  CYS n 
1 4  GLY n 
1 5  SER n 
1 6  GLN n 
1 7  GLY n 
1 8  GLY n 
1 9  GLY n 
1 10 ALA n 
1 11 THR n 
1 12 CYS n 
1 13 PRO n 
1 14 GLY n 
1 15 LEU n 
1 16 ARG n 
1 17 CYS n 
1 18 CYS n 
1 19 SER n 
1 20 ILE n 
1 21 TRP n 
1 22 GLY n 
1 23 TRP n 
1 24 CYS n 
1 25 GLY n 
1 26 ASP n 
1 27 SER n 
1 28 GLU n 
1 29 PRO n 
1 30 TYR n 
1 31 CYS n 
1 32 GLY n 
1 33 ARG n 
1 34 THR n 
1 35 CYS n 
1 36 GLU n 
1 37 ASN n 
1 38 LYS n 
1 39 CYS n 
1 40 TRP n 
1 41 SER n 
1 42 GLY n 
1 43 GLU n 
1 44 ARG n 
1 45 SER n 
1 46 ASP n 
1 47 HIS n 
1 48 ARG n 
1 49 CYS n 
1 50 GLY n 
1 51 ALA n 
1 52 ALA n 
1 53 VAL n 
1 54 GLY n 
1 55 ASN n 
1 56 PRO n 
1 57 PRO n 
1 58 CYS n 
1 59 GLY n 
1 60 GLN n 
1 61 ASP n 
1 62 ARG n 
1 63 CYS n 
1 64 CYS n 
1 65 SER n 
1 66 VAL n 
1 67 HIS n 
1 68 GLY n 
1 69 TRP n 
1 70 CYS n 
1 71 GLY n 
1 72 GLY n 
1 73 GLY n 
1 74 ASN n 
1 75 ASP n 
1 76 TYR n 
1 77 CYS n 
1 78 SER n 
1 79 GLY n 
1 80 GLY n 
1 81 LYS n 
1 82 CYS n 
1 83 GLN n 
1 84 TYR n 
1 85 ARG n 
1 86 CYS n 
1 87 SER n 
1 88 SER n 
1 89 SER n 
# 
_entity_src_nat.entity_id                  1 
_entity_src_nat.pdbx_src_id                1 
_entity_src_nat.pdbx_alt_source_flag       sample 
_entity_src_nat.pdbx_beg_seq_num           ? 
_entity_src_nat.pdbx_end_seq_num           ? 
_entity_src_nat.common_name                'great nettle' 
_entity_src_nat.pdbx_organism_scientific   'Urtica dioica' 
_entity_src_nat.pdbx_ncbi_taxonomy_id      3501 
_entity_src_nat.genus                      Urtica 
_entity_src_nat.species                    ? 
_entity_src_nat.strain                     ? 
_entity_src_nat.tissue                     ? 
_entity_src_nat.tissue_fraction            ? 
_entity_src_nat.pdbx_secretion             ? 
_entity_src_nat.pdbx_fragment              ? 
_entity_src_nat.pdbx_variant               ? 
_entity_src_nat.pdbx_cell_line             ? 
_entity_src_nat.pdbx_atcc                  ? 
_entity_src_nat.pdbx_cellular_location     ? 
_entity_src_nat.pdbx_organ                 ? 
_entity_src_nat.pdbx_organelle             ? 
_entity_src_nat.pdbx_cell                  ? 
_entity_src_nat.pdbx_plasmid_name          ? 
_entity_src_nat.pdbx_plasmid_details       ? 
_entity_src_nat.details                    ? 
# 
loop_
_chem_comp.id 
_chem_comp.type 
_chem_comp.mon_nstd_flag 
_chem_comp.name 
_chem_comp.pdbx_synonyms 
_chem_comp.formula 
_chem_comp.formula_weight 
ALA 'L-peptide linking' y ALANINE             ? 'C3 H7 N O2'     89.093  
ARG 'L-peptide linking' y ARGININE            ? 'C6 H15 N4 O2 1' 175.209 
ASN 'L-peptide linking' y ASPARAGINE          ? 'C4 H8 N2 O3'    132.118 
ASP 'L-peptide linking' y 'ASPARTIC ACID'     ? 'C4 H7 N O4'     133.103 
CYS 'L-peptide linking' y CYSTEINE            ? 'C3 H7 N O2 S'   121.158 
GLN 'L-peptide linking' y GLUTAMINE           ? 'C5 H10 N2 O3'   146.144 
GLU 'L-peptide linking' y 'GLUTAMIC ACID'     ? 'C5 H9 N O4'     147.129 
GLY 'peptide linking'   y GLYCINE             ? 'C2 H5 N O2'     75.067  
HIS 'L-peptide linking' y HISTIDINE           ? 'C6 H10 N3 O2 1' 156.162 
HOH non-polymer         . WATER               ? 'H2 O'           18.015  
ILE 'L-peptide linking' y ISOLEUCINE          ? 'C6 H13 N O2'    131.173 
LEU 'L-peptide linking' y LEUCINE             ? 'C6 H13 N O2'    131.173 
LYS 'L-peptide linking' y LYSINE              ? 'C6 H15 N2 O2 1' 147.195 
PCA 'L-peptide linking' n 'PYROGLUTAMIC ACID' ? 'C5 H7 N O3'     129.114 
PRO 'L-peptide linking' y PROLINE             ? 'C5 H9 N O2'     115.130 
SER 'L-peptide linking' y SERINE              ? 'C3 H7 N O3'     105.093 
THR 'L-peptide linking' y THREONINE           ? 'C4 H9 N O3'     119.119 
TRP 'L-peptide linking' y TRYPTOPHAN          ? 'C11 H12 N2 O2'  204.225 
TYR 'L-peptide linking' y TYROSINE            ? 'C9 H11 N O3'    181.189 
VAL 'L-peptide linking' y VALINE              ? 'C5 H11 N O2'    117.146 
# 
loop_
_pdbx_poly_seq_scheme.asym_id 
_pdbx_poly_seq_scheme.entity_id 
_pdbx_poly_seq_scheme.seq_id 
_pdbx_poly_seq_scheme.mon_id 
_pdbx_poly_seq_scheme.ndb_seq_num 
_pdbx_poly_seq_scheme.pdb_seq_num 
_pdbx_poly_seq_scheme.auth_seq_num 
_pdbx_poly_seq_scheme.pdb_mon_id 
_pdbx_poly_seq_scheme.auth_mon_id 
_pdbx_poly_seq_scheme.pdb_strand_id 
_pdbx_poly_seq_scheme.pdb_ins_code 
_pdbx_poly_seq_scheme.hetero 
A 1 1  PCA 1  1  1  PCA PGL A . n 
A 1 2  ARG 2  2  2  ARG ARG A . n 
A 1 3  CYS 3  3  3  CYS CYS A . n 
A 1 4  GLY 4  4  4  GLY GLY A . n 
A 1 5  SER 5  5  5  SER SER A . n 
A 1 6  GLN 6  6  6  GLN GLN A . n 
A 1 7  GLY 7  7  7  GLY GLY A . n 
A 1 8  GLY 8  8  8  GLY GLY A . n 
A 1 9  GLY 9  9  9  GLY GLY A . n 
A 1 10 ALA 10 10 10 ALA ALA A . n 
A 1 11 THR 11 11 11 THR THR A . n 
A 1 12 CYS 12 12 12 CYS CYS A . n 
A 1 13 PRO 13 13 13 PRO PRO A . n 
A 1 14 GLY 14 14 14 GLY GLY A . n 
A 1 15 LEU 15 15 15 LEU LEU A . n 
A 1 16 ARG 16 16 16 ARG ARG A . n 
A 1 17 CYS 17 17 17 CYS CYS A . n 
A 1 18 CYS 18 18 18 CYS CYS A . n 
A 1 19 SER 19 19 19 SER SER A . n 
A 1 20 ILE 20 20 20 ILE ILE A . n 
A 1 21 TRP 21 21 21 TRP TRP A . n 
A 1 22 GLY 22 22 22 GLY GLY A . n 
A 1 23 TRP 23 23 23 TRP TRP A . n 
A 1 24 CYS 24 24 24 CYS CYS A . n 
A 1 25 GLY 25 25 25 GLY GLY A . n 
A 1 26 ASP 26 26 26 ASP ASP A . n 
A 1 27 SER 27 27 27 SER SER A . n 
A 1 28 GLU 28 28 28 GLU GLU A . n 
A 1 29 PRO 29 29 29 PRO PRO A . n 
A 1 30 TYR 30 30 30 TYR TYR A . n 
A 1 31 CYS 31 31 31 CYS CYS A . n 
A 1 32 GLY 32 32 32 GLY GLY A . n 
A 1 33 ARG 33 33 33 ARG ARG A . n 
A 1 34 THR 34 34 34 THR THR A . n 
A 1 35 CYS 35 35 35 CYS CYS A . n 
A 1 36 GLU 36 36 36 GLU GLU A . n 
A 1 37 ASN 37 37 37 ASN ASN A . n 
A 1 38 LYS 38 38 38 LYS LYS A . n 
A 1 39 CYS 39 39 39 CYS CYS A . n 
A 1 40 TRP 40 40 40 TRP TRP A . n 
A 1 41 SER 41 41 41 SER SER A . n 
A 1 42 GLY 42 42 42 GLY GLY A . n 
A 1 43 GLU 43 43 43 GLU GLU A . n 
A 1 44 ARG 44 44 44 ARG ARG A . n 
A 1 45 SER 45 45 45 SER SER A . n 
A 1 46 ASP 46 46 46 ASP ASP A . n 
A 1 47 HIS 47 47 47 HIS HIS A . n 
A 1 48 ARG 48 48 48 ARG ARG A . n 
A 1 49 CYS 49 49 49 CYS CYS A . n 
A 1 50 GLY 50 50 50 GLY GLY A . n 
A 1 51 ALA 51 51 51 ALA ALA A . n 
A 1 52 ALA 52 52 52 ALA ALA A . n 
A 1 53 VAL 53 53 53 VAL VAL A . n 
A 1 54 GLY 54 54 54 GLY GLY A . n 
A 1 55 ASN 55 55 55 ASN ASN A . n 
A 1 56 PRO 56 56 56 PRO PRO A . n 
A 1 57 PRO 57 57 57 PRO PRO A . n 
A 1 58 CYS 58 58 58 CYS CYS A . n 
A 1 59 GLY 59 59 59 GLY GLY A . n 
A 1 60 GLN 60 60 60 GLN GLN A . n 
A 1 61 ASP 61 61 61 ASP ASP A . n 
A 1 62 ARG 62 62 62 ARG ARG A . n 
A 1 63 CYS 63 63 63 CYS CYS A . n 
A 1 64 CYS 64 64 64 CYS CYS A . n 
A 1 65 SER 65 65 65 SER SER A . n 
A 1 66 VAL 66 66 66 VAL VAL A . n 
A 1 67 HIS 67 67 67 HIS HIS A . n 
A 1 68 GLY 68 68 68 GLY GLY A . n 
A 1 69 TRP 69 69 69 TRP TRP A . n 
A 1 70 CYS 70 70 70 CYS CYS A . n 
A 1 71 GLY 71 71 71 GLY GLY A . n 
A 1 72 GLY 72 72 72 GLY GLY A . n 
A 1 73 GLY 73 73 73 GLY GLY A . n 
A 1 74 ASN 74 74 74 ASN ASN A . n 
A 1 75 ASP 75 75 75 ASP ASP A . n 
A 1 76 TYR 76 76 76 TYR TYR A . n 
A 1 77 CYS 77 77 77 CYS CYS A . n 
A 1 78 SER 78 78 78 SER SER A . n 
A 1 79 GLY 79 79 79 GLY GLY A . n 
A 1 80 GLY 80 80 80 GLY GLY A . n 
A 1 81 LYS 81 81 81 LYS LYS A . n 
A 1 82 CYS 82 82 82 CYS CYS A . n 
A 1 83 GLN 83 83 83 GLN GLN A . n 
A 1 84 TYR 84 84 84 TYR TYR A . n 
A 1 85 ARG 85 85 85 ARG ARG A . n 
A 1 86 CYS 86 86 86 CYS CYS A . n 
A 1 87 SER 87 87 87 SER SER A . n 
A 1 88 SER 88 88 88 SER SER A . n 
A 1 89 SER 89 89 89 SER SER A . n 
# 
loop_
_pdbx_nonpoly_scheme.asym_id 
_pdbx_nonpoly_scheme.entity_id 
_pdbx_nonpoly_scheme.mon_id 
_pdbx_nonpoly_scheme.ndb_seq_num 
_pdbx_nonpoly_scheme.pdb_seq_num 
_pdbx_nonpoly_scheme.auth_seq_num 
_pdbx_nonpoly_scheme.pdb_mon_id 
_pdbx_nonpoly_scheme.auth_mon_id 
_pdbx_nonpoly_scheme.pdb_strand_id 
_pdbx_nonpoly_scheme.pdb_ins_code 
B 2 HOH 1  101 101 HOH HOH A . 
B 2 HOH 2  102 102 HOH HOH A . 
B 2 HOH 3  103 103 HOH HOH A . 
B 2 HOH 4  104 104 HOH HOH A . 
B 2 HOH 5  105 105 HOH HOH A . 
B 2 HOH 6  106 106 HOH HOH A . 
B 2 HOH 7  107 107 HOH HOH A . 
B 2 HOH 8  108 108 HOH HOH A . 
B 2 HOH 9  109 109 HOH HOH A . 
B 2 HOH 10 110 110 HOH HOH A . 
B 2 HOH 11 111 111 HOH HOH A . 
B 2 HOH 12 112 112 HOH HOH A . 
B 2 HOH 13 113 113 HOH HOH A . 
B 2 HOH 14 114 114 HOH HOH A . 
B 2 HOH 15 115 115 HOH HOH A . 
B 2 HOH 16 116 116 HOH HOH A . 
B 2 HOH 17 117 117 HOH HOH A . 
B 2 HOH 18 118 118 HOH HOH A . 
B 2 HOH 19 119 119 HOH HOH A . 
B 2 HOH 20 120 120 HOH HOH A . 
B 2 HOH 21 121 121 HOH HOH A . 
B 2 HOH 22 122 122 HOH HOH A . 
B 2 HOH 23 123 123 HOH HOH A . 
B 2 HOH 24 124 124 HOH HOH A . 
B 2 HOH 25 125 125 HOH HOH A . 
B 2 HOH 26 126 126 HOH HOH A . 
B 2 HOH 27 127 127 HOH HOH A . 
B 2 HOH 28 128 128 HOH HOH A . 
B 2 HOH 29 129 129 HOH HOH A . 
B 2 HOH 30 130 130 HOH HOH A . 
B 2 HOH 31 131 131 HOH HOH A . 
B 2 HOH 32 132 132 HOH HOH A . 
B 2 HOH 33 133 133 HOH HOH A . 
B 2 HOH 34 134 134 HOH HOH A . 
B 2 HOH 35 135 135 HOH HOH A . 
B 2 HOH 36 136 136 HOH HOH A . 
B 2 HOH 37 137 137 HOH HOH A . 
B 2 HOH 38 138 138 HOH HOH A . 
B 2 HOH 39 139 139 HOH HOH A . 
B 2 HOH 40 140 140 HOH HOH A . 
B 2 HOH 41 141 141 HOH HOH A . 
B 2 HOH 42 142 142 HOH HOH A . 
B 2 HOH 43 143 143 HOH HOH A . 
B 2 HOH 44 144 144 HOH HOH A . 
B 2 HOH 45 145 145 HOH HOH A . 
B 2 HOH 46 146 146 HOH HOH A . 
B 2 HOH 47 147 147 HOH HOH A . 
B 2 HOH 48 148 148 HOH HOH A . 
B 2 HOH 49 149 149 HOH HOH A . 
B 2 HOH 50 150 150 HOH HOH A . 
B 2 HOH 51 151 151 HOH HOH A . 
B 2 HOH 52 152 152 HOH HOH A . 
B 2 HOH 53 153 153 HOH HOH A . 
B 2 HOH 54 154 154 HOH HOH A . 
# 
loop_
_software.name 
_software.classification 
_software.version 
_software.citation_id 
_software.pdbx_ordinal 
MADNESS 'data collection' .   ? 1 
MERGEF  'data reduction'  .   ? 2 
MIRPHS  'model building'  .   ? 3 
X-PLOR  refinement        3.1 ? 4 
MADNESS 'data reduction'  .   ? 5 
MERGEF  'data scaling'    .   ? 6 
MIRPHS  phasing           .   ? 7 
# 
_cell.entry_id           1EHD 
_cell.length_a           31.92 
_cell.length_b           41.29 
_cell.length_c           76.45 
_cell.angle_alpha        90.0 
_cell.angle_beta         90.0 
_cell.angle_gamma        90.0 
_cell.Z_PDB              4 
_cell.pdbx_unique_axis   ? 
# 
_symmetry.entry_id                         1EHD 
_symmetry.space_group_name_H-M             'P 21 21 21' 
_symmetry.pdbx_full_space_group_name_H-M   ? 
_symmetry.cell_setting                     ? 
_symmetry.Int_Tables_number                19 
# 
_exptl.entry_id          1EHD 
_exptl.method            'X-RAY DIFFRACTION' 
_exptl.crystals_number   3 
# 
_exptl_crystal.id                    1 
_exptl_crystal.density_meas          ? 
_exptl_crystal.density_Matthews      2.69 
_exptl_crystal.density_percent_sol   54.33 
_exptl_crystal.description           ? 
# 
_exptl_crystal_grow.crystal_id      1 
_exptl_crystal_grow.method          'VAPOR DIFFUSION, HANGING DROP' 
_exptl_crystal_grow.temp            298.0 
_exptl_crystal_grow.temp_details    ? 
_exptl_crystal_grow.pH              5.6 
_exptl_crystal_grow.pdbx_details    'PEG1000, sodium citrate, pH 5.6, VAPOR DIFFUSION, HANGING DROP, temperature 298.0K' 
_exptl_crystal_grow.pdbx_pH_range   ? 
# 
_diffrn.id                     1 
_diffrn.ambient_temp           286 
_diffrn.ambient_temp_details   ? 
_diffrn.crystal_id             1 
# 
_diffrn_detector.diffrn_id              1 
_diffrn_detector.detector               DIFFRACTOMETER 
_diffrn_detector.type                   'ENRAF-NONIUS FAST' 
_diffrn_detector.pdbx_collection_date   1999-05-07 
_diffrn_detector.details                ? 
# 
_diffrn_radiation.diffrn_id                        1 
_diffrn_radiation.wavelength_id                    1 
_diffrn_radiation.pdbx_monochromatic_or_laue_m_l   M 
_diffrn_radiation.monochromator                    ? 
_diffrn_radiation.pdbx_diffrn_protocol             'SINGLE WAVELENGTH' 
_diffrn_radiation.pdbx_scattering_type             x-ray 
# 
_diffrn_radiation_wavelength.id           1 
_diffrn_radiation_wavelength.wavelength   1.5418 
_diffrn_radiation_wavelength.wt           1.0 
# 
_diffrn_source.diffrn_id                   1 
_diffrn_source.source                      'ROTATING ANODE' 
_diffrn_source.type                        'ENRAF-NONIUS FR571' 
_diffrn_source.pdbx_synchrotron_site       ? 
_diffrn_source.pdbx_synchrotron_beamline   ? 
_diffrn_source.pdbx_wavelength             1.5418 
_diffrn_source.pdbx_wavelength_list        ? 
# 
_reflns.entry_id                     1EHD 
_reflns.observed_criterion_sigma_I   0.0 
_reflns.observed_criterion_sigma_F   0.0 
_reflns.d_resolution_low             24.5 
_reflns.d_resolution_high            1.4 
_reflns.number_obs                   19125 
_reflns.number_all                   19125 
_reflns.percent_possible_obs         89.0 
_reflns.pdbx_Rmerge_I_obs            0.031 
_reflns.pdbx_Rsym_value              ? 
_reflns.pdbx_netI_over_sigmaI        7.98 
_reflns.B_iso_Wilson_estimate        20.9 
_reflns.pdbx_redundancy              8.3 
_reflns.R_free_details               ? 
_reflns.limit_h_max                  ? 
_reflns.limit_h_min                  ? 
_reflns.limit_k_max                  ? 
_reflns.limit_k_min                  ? 
_reflns.limit_l_max                  ? 
_reflns.limit_l_min                  ? 
_reflns.observed_criterion_F_max     ? 
_reflns.observed_criterion_F_min     ? 
_reflns.pdbx_diffrn_id               1 
_reflns.pdbx_ordinal                 1 
# 
_reflns_shell.d_res_high             1.40 
_reflns_shell.d_res_low              1.427 
_reflns_shell.percent_possible_all   76.1 
_reflns_shell.Rmerge_I_obs           0.323 
_reflns_shell.pdbx_Rsym_value        ? 
_reflns_shell.meanI_over_sigI_obs    ? 
_reflns_shell.pdbx_redundancy        ? 
_reflns_shell.percent_possible_obs   ? 
_reflns_shell.number_unique_all      859 
_reflns_shell.pdbx_diffrn_id         ? 
_reflns_shell.pdbx_ordinal           1 
# 
_refine.entry_id                                 1EHD 
_refine.ls_number_reflns_obs                     13142 
_refine.ls_number_reflns_all                     ? 
_refine.pdbx_ls_sigma_I                          ? 
_refine.pdbx_ls_sigma_F                          2.0 
_refine.pdbx_data_cutoff_high_absF               ? 
_refine.pdbx_data_cutoff_low_absF                ? 
_refine.ls_d_res_low                             8.0 
_refine.ls_d_res_high                            1.5 
_refine.ls_percent_reflns_obs                    ? 
_refine.ls_R_factor_obs                          ? 
_refine.ls_R_factor_all                          ? 
_refine.ls_R_factor_R_work                       0.229 
_refine.ls_R_factor_R_free                       0.267 
_refine.ls_R_factor_R_free_error                 ? 
_refine.ls_R_factor_R_free_error_details         ? 
_refine.ls_percent_reflns_R_free                 ? 
_refine.ls_number_reflns_R_free                  1212 
_refine.ls_number_parameters                     ? 
_refine.ls_number_restraints                     ? 
_refine.occupancy_min                            ? 
_refine.occupancy_max                            ? 
_refine.B_iso_mean                               ? 
_refine.aniso_B[1][1]                            ? 
_refine.aniso_B[2][2]                            ? 
_refine.aniso_B[3][3]                            ? 
_refine.aniso_B[1][2]                            ? 
_refine.aniso_B[1][3]                            ? 
_refine.aniso_B[2][3]                            ? 
_refine.solvent_model_details                    ? 
_refine.solvent_model_param_ksol                 ? 
_refine.solvent_model_param_bsol                 ? 
_refine.pdbx_ls_cross_valid_method               ? 
_refine.details                                  ? 
_refine.pdbx_starting_model                      ? 
_refine.pdbx_method_to_determine_struct          ? 
_refine.pdbx_isotropic_thermal_model             ? 
_refine.pdbx_stereochemistry_target_values       ? 
_refine.pdbx_stereochem_target_val_spec_case     ? 
_refine.pdbx_R_Free_selection_details            ? 
_refine.pdbx_overall_ESU_R_Free                  ? 
_refine.overall_SU_B                             ? 
_refine.ls_redundancy_reflns_obs                 ? 
_refine.B_iso_min                                ? 
_refine.B_iso_max                                ? 
_refine.overall_SU_ML                            ? 
_refine.pdbx_overall_ESU_R                       ? 
_refine.pdbx_data_cutoff_high_rms_absF           ? 
_refine.pdbx_refine_id                           'X-RAY DIFFRACTION' 
_refine.pdbx_diffrn_id                           1 
_refine.pdbx_TLS_residual_ADP_flag               ? 
_refine.correlation_coeff_Fo_to_Fc               ? 
_refine.correlation_coeff_Fo_to_Fc_free          ? 
_refine.pdbx_solvent_vdw_probe_radii             ? 
_refine.pdbx_solvent_ion_probe_radii             ? 
_refine.pdbx_solvent_shrinkage_radii             ? 
_refine.pdbx_overall_phase_error                 ? 
_refine.overall_SU_R_Cruickshank_DPI             ? 
_refine.pdbx_overall_SU_R_free_Cruickshank_DPI   ? 
_refine.pdbx_overall_SU_R_Blow_DPI               ? 
_refine.pdbx_overall_SU_R_free_Blow_DPI          ? 
# 
_refine_hist.pdbx_refine_id                   'X-RAY DIFFRACTION' 
_refine_hist.cycle_id                         LAST 
_refine_hist.pdbx_number_atoms_protein        641 
_refine_hist.pdbx_number_atoms_nucleic_acid   0 
_refine_hist.pdbx_number_atoms_ligand         0 
_refine_hist.number_atoms_solvent             54 
_refine_hist.number_atoms_total               695 
_refine_hist.d_res_high                       1.5 
_refine_hist.d_res_low                        8.0 
# 
loop_
_refine_ls_restr.type 
_refine_ls_restr.dev_ideal 
_refine_ls_restr.dev_ideal_target 
_refine_ls_restr.weight 
_refine_ls_restr.number 
_refine_ls_restr.pdbx_refine_id 
_refine_ls_restr.pdbx_restraint_function 
c_bond_d    0.015 ? ? ? 'X-RAY DIFFRACTION' ? 
c_angle_deg 3.01  ? ? ? 'X-RAY DIFFRACTION' ? 
# 
_struct.entry_id                  1EHD 
_struct.title                     'CRYSTAL STRUCTURE OF URTICA DIOICA AGGLUTININ ISOLECTIN VI' 
_struct.pdbx_model_details        ? 
_struct.pdbx_CASP_flag            ? 
_struct.pdbx_model_type_details   ? 
# 
_struct_keywords.entry_id        1EHD 
_struct_keywords.pdbx_keywords   'PLANT PROTEIN' 
_struct_keywords.text            'Two homologous hevein-like domains, PLANT PROTEIN' 
# 
loop_
_struct_asym.id 
_struct_asym.pdbx_blank_PDB_chainid_flag 
_struct_asym.pdbx_modified 
_struct_asym.entity_id 
_struct_asym.details 
A N N 1 ? 
B N N 2 ? 
# 
_struct_ref.id                         1 
_struct_ref.db_name                    UNP 
_struct_ref.db_code                    Q9S7B3_URTDI 
_struct_ref.entity_id                  1 
_struct_ref.pdbx_db_accession          Q9S7B3 
_struct_ref.pdbx_align_begin           24 
_struct_ref.pdbx_seq_one_letter_code   
;QRCGSQGGGSTCPGLRCCSIWGWCGDSEPYCGRTCENKCWSGERSDHRCGAAVGNPPCGQDRCCSVHGWCGGGNDYCSGG
NCQYRCSSS
;
_struct_ref.pdbx_db_isoform            ? 
# 
_struct_ref_seq.align_id                      1 
_struct_ref_seq.ref_id                        1 
_struct_ref_seq.pdbx_PDB_id_code              1EHD 
_struct_ref_seq.pdbx_strand_id                A 
_struct_ref_seq.seq_align_beg                 1 
_struct_ref_seq.pdbx_seq_align_beg_ins_code   ? 
_struct_ref_seq.seq_align_end                 89 
_struct_ref_seq.pdbx_seq_align_end_ins_code   ? 
_struct_ref_seq.pdbx_db_accession             Q9S7B3 
_struct_ref_seq.db_align_beg                  24 
_struct_ref_seq.pdbx_db_align_beg_ins_code    ? 
_struct_ref_seq.db_align_end                  112 
_struct_ref_seq.pdbx_db_align_end_ins_code    ? 
_struct_ref_seq.pdbx_auth_seq_align_beg       1 
_struct_ref_seq.pdbx_auth_seq_align_end       89 
# 
loop_
_struct_ref_seq_dif.align_id 
_struct_ref_seq_dif.pdbx_pdb_id_code 
_struct_ref_seq_dif.mon_id 
_struct_ref_seq_dif.pdbx_pdb_strand_id 
_struct_ref_seq_dif.seq_num 
_struct_ref_seq_dif.pdbx_pdb_ins_code 
_struct_ref_seq_dif.pdbx_seq_db_name 
_struct_ref_seq_dif.pdbx_seq_db_accession_code 
_struct_ref_seq_dif.db_mon_id 
_struct_ref_seq_dif.pdbx_seq_db_seq_num 
_struct_ref_seq_dif.details 
_struct_ref_seq_dif.pdbx_auth_seq_num 
_struct_ref_seq_dif.pdbx_ordinal 
1 1EHD ALA A 10 ? UNP Q9S7B3 SER 33  conflict 10 1 
1 1EHD LYS A 81 ? UNP Q9S7B3 ASN 104 conflict 81 2 
# 
_pdbx_struct_assembly.id                   1 
_pdbx_struct_assembly.details              author_defined_assembly 
_pdbx_struct_assembly.method_details       ? 
_pdbx_struct_assembly.oligomeric_details   monomeric 
_pdbx_struct_assembly.oligomeric_count     1 
# 
_pdbx_struct_assembly_gen.assembly_id       1 
_pdbx_struct_assembly_gen.oper_expression   1 
_pdbx_struct_assembly_gen.asym_id_list      A,B 
# 
_pdbx_struct_oper_list.id                   1 
_pdbx_struct_oper_list.type                 'identity operation' 
_pdbx_struct_oper_list.name                 1_555 
_pdbx_struct_oper_list.symmetry_operation   x,y,z 
_pdbx_struct_oper_list.matrix[1][1]         1.0000000000 
_pdbx_struct_oper_list.matrix[1][2]         0.0000000000 
_pdbx_struct_oper_list.matrix[1][3]         0.0000000000 
_pdbx_struct_oper_list.vector[1]            0.0000000000 
_pdbx_struct_oper_list.matrix[2][1]         0.0000000000 
_pdbx_struct_oper_list.matrix[2][2]         1.0000000000 
_pdbx_struct_oper_list.matrix[2][3]         0.0000000000 
_pdbx_struct_oper_list.vector[2]            0.0000000000 
_pdbx_struct_oper_list.matrix[3][1]         0.0000000000 
_pdbx_struct_oper_list.matrix[3][2]         0.0000000000 
_pdbx_struct_oper_list.matrix[3][3]         1.0000000000 
_pdbx_struct_oper_list.vector[3]            0.0000000000 
# 
_struct_biol.id   1 
# 
loop_
_struct_conf.conf_type_id 
_struct_conf.id 
_struct_conf.pdbx_PDB_helix_id 
_struct_conf.beg_label_comp_id 
_struct_conf.beg_label_asym_id 
_struct_conf.beg_label_seq_id 
_struct_conf.pdbx_beg_PDB_ins_code 
_struct_conf.end_label_comp_id 
_struct_conf.end_label_asym_id 
_struct_conf.end_label_seq_id 
_struct_conf.pdbx_end_PDB_ins_code 
_struct_conf.beg_auth_comp_id 
_struct_conf.beg_auth_asym_id 
_struct_conf.beg_auth_seq_id 
_struct_conf.end_auth_comp_id 
_struct_conf.end_auth_asym_id 
_struct_conf.end_auth_seq_id 
_struct_conf.pdbx_PDB_helix_class 
_struct_conf.details 
_struct_conf.pdbx_PDB_helix_length 
HELX_P HELX_P1 1 GLY A 4  ? GLY A 8  ? GLY A 4  GLY A 8  5 ? 5 
HELX_P HELX_P2 2 CYS A 12 ? ARG A 16 ? CYS A 12 ARG A 16 5 ? 5 
HELX_P HELX_P3 3 SER A 27 ? GLY A 32 ? SER A 27 GLY A 32 1 ? 6 
HELX_P HELX_P4 4 CYS A 39 ? GLU A 43 ? CYS A 39 GLU A 43 5 ? 5 
HELX_P HELX_P5 5 GLY A 50 ? GLY A 54 ? GLY A 50 GLY A 54 5 ? 5 
HELX_P HELX_P6 6 GLY A 73 ? SER A 78 ? GLY A 73 SER A 78 1 ? 6 
# 
_struct_conf_type.id          HELX_P 
_struct_conf_type.criteria    ? 
_struct_conf_type.reference   ? 
# 
loop_
_struct_conn.id 
_struct_conn.conn_type_id 
_struct_conn.pdbx_leaving_atom_flag 
_struct_conn.pdbx_PDB_id 
_struct_conn.ptnr1_label_asym_id 
_struct_conn.ptnr1_label_comp_id 
_struct_conn.ptnr1_label_seq_id 
_struct_conn.ptnr1_label_atom_id 
_struct_conn.pdbx_ptnr1_label_alt_id 
_struct_conn.pdbx_ptnr1_PDB_ins_code 
_struct_conn.pdbx_ptnr1_standard_comp_id 
_struct_conn.ptnr1_symmetry 
_struct_conn.ptnr2_label_asym_id 
_struct_conn.ptnr2_label_comp_id 
_struct_conn.ptnr2_label_seq_id 
_struct_conn.ptnr2_label_atom_id 
_struct_conn.pdbx_ptnr2_label_alt_id 
_struct_conn.pdbx_ptnr2_PDB_ins_code 
_struct_conn.ptnr1_auth_asym_id 
_struct_conn.ptnr1_auth_comp_id 
_struct_conn.ptnr1_auth_seq_id 
_struct_conn.ptnr2_auth_asym_id 
_struct_conn.ptnr2_auth_comp_id 
_struct_conn.ptnr2_auth_seq_id 
_struct_conn.ptnr2_symmetry 
_struct_conn.pdbx_ptnr3_label_atom_id 
_struct_conn.pdbx_ptnr3_label_seq_id 
_struct_conn.pdbx_ptnr3_label_comp_id 
_struct_conn.pdbx_ptnr3_label_asym_id 
_struct_conn.pdbx_ptnr3_label_alt_id 
_struct_conn.pdbx_ptnr3_PDB_ins_code 
_struct_conn.details 
_struct_conn.pdbx_dist_value 
_struct_conn.pdbx_value_order 
_struct_conn.pdbx_role 
disulf1 disulf ?    ? A CYS 3  SG ? ? ? 1_555 A CYS 18 SG ? ? A CYS 3  A CYS 18 1_555 ? ? ? ? ? ? ? 2.035 ? ? 
disulf2 disulf ?    ? A CYS 12 SG ? ? ? 1_555 A CYS 24 SG ? ? A CYS 12 A CYS 24 1_555 ? ? ? ? ? ? ? 2.035 ? ? 
disulf3 disulf ?    ? A CYS 17 SG ? ? ? 1_555 A CYS 31 SG ? ? A CYS 17 A CYS 31 1_555 ? ? ? ? ? ? ? 1.952 ? ? 
disulf4 disulf ?    ? A CYS 35 SG ? ? ? 1_555 A CYS 39 SG ? ? A CYS 35 A CYS 39 1_555 ? ? ? ? ? ? ? 1.998 ? ? 
disulf5 disulf ?    ? A CYS 49 SG ? ? ? 1_555 A CYS 64 SG ? ? A CYS 49 A CYS 64 1_555 ? ? ? ? ? ? ? 2.020 ? ? 
disulf6 disulf ?    ? A CYS 58 SG ? ? ? 1_555 A CYS 70 SG ? ? A CYS 58 A CYS 70 1_555 ? ? ? ? ? ? ? 2.038 ? ? 
disulf7 disulf ?    ? A CYS 63 SG ? ? ? 1_555 A CYS 77 SG ? ? A CYS 63 A CYS 77 1_555 ? ? ? ? ? ? ? 2.023 ? ? 
disulf8 disulf ?    ? A CYS 82 SG ? ? ? 1_555 A CYS 86 SG ? ? A CYS 82 A CYS 86 1_555 ? ? ? ? ? ? ? 2.044 ? ? 
covale1 covale both ? A PCA 1  C  ? ? ? 1_555 A ARG 2  N  ? ? A PCA 1  A ARG 2  1_555 ? ? ? ? ? ? ? 1.310 ? ? 
# 
loop_
_struct_conn_type.id 
_struct_conn_type.criteria 
_struct_conn_type.reference 
disulf ? ? 
covale ? ? 
# 
loop_
_pdbx_modification_feature.ordinal 
_pdbx_modification_feature.label_comp_id 
_pdbx_modification_feature.label_asym_id 
_pdbx_modification_feature.label_seq_id 
_pdbx_modification_feature.label_alt_id 
_pdbx_modification_feature.modified_residue_label_comp_id 
_pdbx_modification_feature.modified_residue_label_asym_id 
_pdbx_modification_feature.modified_residue_label_seq_id 
_pdbx_modification_feature.modified_residue_label_alt_id 
_pdbx_modification_feature.auth_comp_id 
_pdbx_modification_feature.auth_asym_id 
_pdbx_modification_feature.auth_seq_id 
_pdbx_modification_feature.PDB_ins_code 
_pdbx_modification_feature.symmetry 
_pdbx_modification_feature.modified_residue_auth_comp_id 
_pdbx_modification_feature.modified_residue_auth_asym_id 
_pdbx_modification_feature.modified_residue_auth_seq_id 
_pdbx_modification_feature.modified_residue_PDB_ins_code 
_pdbx_modification_feature.modified_residue_symmetry 
_pdbx_modification_feature.comp_id_linking_atom 
_pdbx_modification_feature.modified_residue_id_linking_atom 
_pdbx_modification_feature.modified_residue_id 
_pdbx_modification_feature.ref_pcm_id 
_pdbx_modification_feature.ref_comp_id 
_pdbx_modification_feature.type 
_pdbx_modification_feature.category 
1 PCA A 1  ? .   . .  . PCA A 1  ? 1_555 .   . .  . .     .  .  GLN 1 PCA 'Pyrrolidone carboxylic acid' 
'Named protein modification' 
2 CYS A 3  ? CYS A 18 ? CYS A 3  ? 1_555 CYS A 18 ? 1_555 SG SG .   . .   None                          'Disulfide bridge' 
3 CYS A 12 ? CYS A 24 ? CYS A 12 ? 1_555 CYS A 24 ? 1_555 SG SG .   . .   None                          'Disulfide bridge' 
4 CYS A 17 ? CYS A 31 ? CYS A 17 ? 1_555 CYS A 31 ? 1_555 SG SG .   . .   None                          'Disulfide bridge' 
5 CYS A 35 ? CYS A 39 ? CYS A 35 ? 1_555 CYS A 39 ? 1_555 SG SG .   . .   None                          'Disulfide bridge' 
6 CYS A 49 ? CYS A 64 ? CYS A 49 ? 1_555 CYS A 64 ? 1_555 SG SG .   . .   None                          'Disulfide bridge' 
7 CYS A 58 ? CYS A 70 ? CYS A 58 ? 1_555 CYS A 70 ? 1_555 SG SG .   . .   None                          'Disulfide bridge' 
8 CYS A 63 ? CYS A 77 ? CYS A 63 ? 1_555 CYS A 77 ? 1_555 SG SG .   . .   None                          'Disulfide bridge' 
9 CYS A 82 ? CYS A 86 ? CYS A 82 ? 1_555 CYS A 86 ? 1_555 SG SG .   . .   None                          'Disulfide bridge' 
# 
loop_
_struct_sheet.id 
_struct_sheet.type 
_struct_sheet.number_strands 
_struct_sheet.details 
A ? 3 ? 
B ? 3 ? 
# 
loop_
_struct_sheet_order.sheet_id 
_struct_sheet_order.range_id_1 
_struct_sheet_order.range_id_2 
_struct_sheet_order.offset 
_struct_sheet_order.sense 
A 1 2 ? anti-parallel 
A 2 3 ? anti-parallel 
B 1 2 ? anti-parallel 
B 2 3 ? anti-parallel 
# 
loop_
_struct_sheet_range.sheet_id 
_struct_sheet_range.id 
_struct_sheet_range.beg_label_comp_id 
_struct_sheet_range.beg_label_asym_id 
_struct_sheet_range.beg_label_seq_id 
_struct_sheet_range.pdbx_beg_PDB_ins_code 
_struct_sheet_range.end_label_comp_id 
_struct_sheet_range.end_label_asym_id 
_struct_sheet_range.end_label_seq_id 
_struct_sheet_range.pdbx_end_PDB_ins_code 
_struct_sheet_range.beg_auth_comp_id 
_struct_sheet_range.beg_auth_asym_id 
_struct_sheet_range.beg_auth_seq_id 
_struct_sheet_range.end_auth_comp_id 
_struct_sheet_range.end_auth_asym_id 
_struct_sheet_range.end_auth_seq_id 
A 1 CYS A 24 ? GLY A 25 ? CYS A 24 GLY A 25 
A 2 CYS A 17 ? SER A 19 ? CYS A 17 SER A 19 
A 3 CYS A 35 ? ASN A 37 ? CYS A 35 ASN A 37 
B 1 CYS A 70 ? GLY A 71 ? CYS A 70 GLY A 71 
B 2 CYS A 63 ? SER A 65 ? CYS A 63 SER A 65 
B 3 CYS A 82 ? TYR A 84 ? CYS A 82 TYR A 84 
# 
loop_
_pdbx_struct_sheet_hbond.sheet_id 
_pdbx_struct_sheet_hbond.range_id_1 
_pdbx_struct_sheet_hbond.range_id_2 
_pdbx_struct_sheet_hbond.range_1_label_atom_id 
_pdbx_struct_sheet_hbond.range_1_label_comp_id 
_pdbx_struct_sheet_hbond.range_1_label_asym_id 
_pdbx_struct_sheet_hbond.range_1_label_seq_id 
_pdbx_struct_sheet_hbond.range_1_PDB_ins_code 
_pdbx_struct_sheet_hbond.range_1_auth_atom_id 
_pdbx_struct_sheet_hbond.range_1_auth_comp_id 
_pdbx_struct_sheet_hbond.range_1_auth_asym_id 
_pdbx_struct_sheet_hbond.range_1_auth_seq_id 
_pdbx_struct_sheet_hbond.range_2_label_atom_id 
_pdbx_struct_sheet_hbond.range_2_label_comp_id 
_pdbx_struct_sheet_hbond.range_2_label_asym_id 
_pdbx_struct_sheet_hbond.range_2_label_seq_id 
_pdbx_struct_sheet_hbond.range_2_PDB_ins_code 
_pdbx_struct_sheet_hbond.range_2_auth_atom_id 
_pdbx_struct_sheet_hbond.range_2_auth_comp_id 
_pdbx_struct_sheet_hbond.range_2_auth_asym_id 
_pdbx_struct_sheet_hbond.range_2_auth_seq_id 
A 1 2 N GLY A 25 ? N GLY A 25 O CYS A 17 ? O CYS A 17 
A 2 3 O CYS A 18 ? O CYS A 18 N GLU A 36 ? N GLU A 36 
B 1 2 O GLY A 71 ? O GLY A 71 N CYS A 63 ? N CYS A 63 
B 2 3 O CYS A 64 ? O CYS A 64 N GLN A 83 ? N GLN A 83 
# 
_pdbx_entry_details.entry_id                   1EHD 
_pdbx_entry_details.compound_details           ? 
_pdbx_entry_details.source_details             ? 
_pdbx_entry_details.nonpolymer_details         ? 
_pdbx_entry_details.sequence_details           ? 
_pdbx_entry_details.has_ligand_of_interest     ? 
_pdbx_entry_details.has_protein_modification   Y 
# 
_pdbx_validate_rmsd_bond.id                        1 
_pdbx_validate_rmsd_bond.PDB_model_num             1 
_pdbx_validate_rmsd_bond.auth_atom_id_1            NE2 
_pdbx_validate_rmsd_bond.auth_asym_id_1            A 
_pdbx_validate_rmsd_bond.auth_comp_id_1            HIS 
_pdbx_validate_rmsd_bond.auth_seq_id_1             67 
_pdbx_validate_rmsd_bond.PDB_ins_code_1            ? 
_pdbx_validate_rmsd_bond.label_alt_id_1            ? 
_pdbx_validate_rmsd_bond.auth_atom_id_2            CD2 
_pdbx_validate_rmsd_bond.auth_asym_id_2            A 
_pdbx_validate_rmsd_bond.auth_comp_id_2            HIS 
_pdbx_validate_rmsd_bond.auth_seq_id_2             67 
_pdbx_validate_rmsd_bond.PDB_ins_code_2            ? 
_pdbx_validate_rmsd_bond.label_alt_id_2            ? 
_pdbx_validate_rmsd_bond.bond_value                1.307 
_pdbx_validate_rmsd_bond.bond_target_value         1.373 
_pdbx_validate_rmsd_bond.bond_deviation            -0.066 
_pdbx_validate_rmsd_bond.bond_standard_deviation   0.011 
_pdbx_validate_rmsd_bond.linker_flag               N 
# 
loop_
_pdbx_validate_rmsd_angle.id 
_pdbx_validate_rmsd_angle.PDB_model_num 
_pdbx_validate_rmsd_angle.auth_atom_id_1 
_pdbx_validate_rmsd_angle.auth_asym_id_1 
_pdbx_validate_rmsd_angle.auth_comp_id_1 
_pdbx_validate_rmsd_angle.auth_seq_id_1 
_pdbx_validate_rmsd_angle.PDB_ins_code_1 
_pdbx_validate_rmsd_angle.label_alt_id_1 
_pdbx_validate_rmsd_angle.auth_atom_id_2 
_pdbx_validate_rmsd_angle.auth_asym_id_2 
_pdbx_validate_rmsd_angle.auth_comp_id_2 
_pdbx_validate_rmsd_angle.auth_seq_id_2 
_pdbx_validate_rmsd_angle.PDB_ins_code_2 
_pdbx_validate_rmsd_angle.label_alt_id_2 
_pdbx_validate_rmsd_angle.auth_atom_id_3 
_pdbx_validate_rmsd_angle.auth_asym_id_3 
_pdbx_validate_rmsd_angle.auth_comp_id_3 
_pdbx_validate_rmsd_angle.auth_seq_id_3 
_pdbx_validate_rmsd_angle.PDB_ins_code_3 
_pdbx_validate_rmsd_angle.label_alt_id_3 
_pdbx_validate_rmsd_angle.angle_value 
_pdbx_validate_rmsd_angle.angle_target_value 
_pdbx_validate_rmsd_angle.angle_deviation 
_pdbx_validate_rmsd_angle.angle_standard_deviation 
_pdbx_validate_rmsd_angle.linker_flag 
1  1 NE  A ARG 16 ? ? CZ  A ARG 16 ? ? NH1 A ARG 16 ? ? 123.99 120.30 3.69   0.50 N 
2  1 NE  A ARG 16 ? ? CZ  A ARG 16 ? ? NH2 A ARG 16 ? ? 116.64 120.30 -3.66  0.50 N 
3  1 CD1 A TRP 21 ? ? CG  A TRP 21 ? ? CD2 A TRP 21 ? ? 112.97 106.30 6.67   0.80 N 
4  1 CE2 A TRP 21 ? ? CD2 A TRP 21 ? ? CG  A TRP 21 ? ? 101.73 107.30 -5.57  0.80 N 
5  1 CD1 A TRP 23 ? ? CG  A TRP 23 ? ? CD2 A TRP 23 ? ? 113.35 106.30 7.05   0.80 N 
6  1 CE2 A TRP 23 ? ? CD2 A TRP 23 ? ? CG  A TRP 23 ? ? 101.18 107.30 -6.12  0.80 N 
7  1 CD1 A TRP 40 ? ? CG  A TRP 40 ? ? CD2 A TRP 40 ? ? 111.82 106.30 5.52   0.80 N 
8  1 CE2 A TRP 40 ? ? CD2 A TRP 40 ? ? CG  A TRP 40 ? ? 102.11 107.30 -5.19  0.80 N 
9  1 NE  A ARG 44 ? ? CZ  A ARG 44 ? ? NH1 A ARG 44 ? ? 123.37 120.30 3.07   0.50 N 
10 1 NE  A ARG 48 ? ? CZ  A ARG 48 ? ? NH1 A ARG 48 ? ? 124.74 120.30 4.44   0.50 N 
11 1 NE  A ARG 62 ? ? CZ  A ARG 62 ? ? NH2 A ARG 62 ? ? 117.25 120.30 -3.05  0.50 N 
12 1 CD1 A TRP 69 ? ? CG  A TRP 69 ? ? CD2 A TRP 69 ? ? 112.75 106.30 6.45   0.80 N 
13 1 CE2 A TRP 69 ? ? CD2 A TRP 69 ? ? CG  A TRP 69 ? ? 101.53 107.30 -5.77  0.80 N 
14 1 CB  A TYR 84 ? ? CG  A TYR 84 ? ? CD2 A TYR 84 ? ? 116.25 121.00 -4.75  0.60 N 
15 1 N   A SER 88 ? ? CA  A SER 88 ? ? C   A SER 88 ? ? 93.63  111.00 -17.37 2.70 N 
# 
loop_
_pdbx_validate_torsion.id 
_pdbx_validate_torsion.PDB_model_num 
_pdbx_validate_torsion.auth_comp_id 
_pdbx_validate_torsion.auth_asym_id 
_pdbx_validate_torsion.auth_seq_id 
_pdbx_validate_torsion.PDB_ins_code 
_pdbx_validate_torsion.label_alt_id 
_pdbx_validate_torsion.phi 
_pdbx_validate_torsion.psi 
1 1 THR A 34 ? ? -91.90 30.29  
2 1 HIS A 47 ? ? 59.92  16.70  
3 1 SER A 87 ? ? 22.55  52.06  
4 1 SER A 88 ? ? 151.79 -99.58 
# 
_pdbx_struct_mod_residue.id               1 
_pdbx_struct_mod_residue.label_asym_id    A 
_pdbx_struct_mod_residue.label_comp_id    PCA 
_pdbx_struct_mod_residue.label_seq_id     1 
_pdbx_struct_mod_residue.auth_asym_id     A 
_pdbx_struct_mod_residue.auth_comp_id     PCA 
_pdbx_struct_mod_residue.auth_seq_id      1 
_pdbx_struct_mod_residue.PDB_ins_code     ? 
_pdbx_struct_mod_residue.parent_comp_id   GLN 
_pdbx_struct_mod_residue.details          'PYROGLUTAMIC ACID' 
# 
loop_
_chem_comp_atom.comp_id 
_chem_comp_atom.atom_id 
_chem_comp_atom.type_symbol 
_chem_comp_atom.pdbx_aromatic_flag 
_chem_comp_atom.pdbx_stereo_config 
_chem_comp_atom.pdbx_ordinal 
ALA N    N N N 1   
ALA CA   C N S 2   
ALA C    C N N 3   
ALA O    O N N 4   
ALA CB   C N N 5   
ALA OXT  O N N 6   
ALA H    H N N 7   
ALA H2   H N N 8   
ALA HA   H N N 9   
ALA HB1  H N N 10  
ALA HB2  H N N 11  
ALA HB3  H N N 12  
ALA HXT  H N N 13  
ARG N    N N N 14  
ARG CA   C N S 15  
ARG C    C N N 16  
ARG O    O N N 17  
ARG CB   C N N 18  
ARG CG   C N N 19  
ARG CD   C N N 20  
ARG NE   N N N 21  
ARG CZ   C N N 22  
ARG NH1  N N N 23  
ARG NH2  N N N 24  
ARG OXT  O N N 25  
ARG H    H N N 26  
ARG H2   H N N 27  
ARG HA   H N N 28  
ARG HB2  H N N 29  
ARG HB3  H N N 30  
ARG HG2  H N N 31  
ARG HG3  H N N 32  
ARG HD2  H N N 33  
ARG HD3  H N N 34  
ARG HE   H N N 35  
ARG HH11 H N N 36  
ARG HH12 H N N 37  
ARG HH21 H N N 38  
ARG HH22 H N N 39  
ARG HXT  H N N 40  
ASN N    N N N 41  
ASN CA   C N S 42  
ASN C    C N N 43  
ASN O    O N N 44  
ASN CB   C N N 45  
ASN CG   C N N 46  
ASN OD1  O N N 47  
ASN ND2  N N N 48  
ASN OXT  O N N 49  
ASN H    H N N 50  
ASN H2   H N N 51  
ASN HA   H N N 52  
ASN HB2  H N N 53  
ASN HB3  H N N 54  
ASN HD21 H N N 55  
ASN HD22 H N N 56  
ASN HXT  H N N 57  
ASP N    N N N 58  
ASP CA   C N S 59  
ASP C    C N N 60  
ASP O    O N N 61  
ASP CB   C N N 62  
ASP CG   C N N 63  
ASP OD1  O N N 64  
ASP OD2  O N N 65  
ASP OXT  O N N 66  
ASP H    H N N 67  
ASP H2   H N N 68  
ASP HA   H N N 69  
ASP HB2  H N N 70  
ASP HB3  H N N 71  
ASP HD2  H N N 72  
ASP HXT  H N N 73  
CYS N    N N N 74  
CYS CA   C N R 75  
CYS C    C N N 76  
CYS O    O N N 77  
CYS CB   C N N 78  
CYS SG   S N N 79  
CYS OXT  O N N 80  
CYS H    H N N 81  
CYS H2   H N N 82  
CYS HA   H N N 83  
CYS HB2  H N N 84  
CYS HB3  H N N 85  
CYS HG   H N N 86  
CYS HXT  H N N 87  
GLN N    N N N 88  
GLN CA   C N S 89  
GLN C    C N N 90  
GLN O    O N N 91  
GLN CB   C N N 92  
GLN CG   C N N 93  
GLN CD   C N N 94  
GLN OE1  O N N 95  
GLN NE2  N N N 96  
GLN OXT  O N N 97  
GLN H    H N N 98  
GLN H2   H N N 99  
GLN HA   H N N 100 
GLN HB2  H N N 101 
GLN HB3  H N N 102 
GLN HG2  H N N 103 
GLN HG3  H N N 104 
GLN HE21 H N N 105 
GLN HE22 H N N 106 
GLN HXT  H N N 107 
GLU N    N N N 108 
GLU CA   C N S 109 
GLU C    C N N 110 
GLU O    O N N 111 
GLU CB   C N N 112 
GLU CG   C N N 113 
GLU CD   C N N 114 
GLU OE1  O N N 115 
GLU OE2  O N N 116 
GLU OXT  O N N 117 
GLU H    H N N 118 
GLU H2   H N N 119 
GLU HA   H N N 120 
GLU HB2  H N N 121 
GLU HB3  H N N 122 
GLU HG2  H N N 123 
GLU HG3  H N N 124 
GLU HE2  H N N 125 
GLU HXT  H N N 126 
GLY N    N N N 127 
GLY CA   C N N 128 
GLY C    C N N 129 
GLY O    O N N 130 
GLY OXT  O N N 131 
GLY H    H N N 132 
GLY H2   H N N 133 
GLY HA2  H N N 134 
GLY HA3  H N N 135 
GLY HXT  H N N 136 
HIS N    N N N 137 
HIS CA   C N S 138 
HIS C    C N N 139 
HIS O    O N N 140 
HIS CB   C N N 141 
HIS CG   C Y N 142 
HIS ND1  N Y N 143 
HIS CD2  C Y N 144 
HIS CE1  C Y N 145 
HIS NE2  N Y N 146 
HIS OXT  O N N 147 
HIS H    H N N 148 
HIS H2   H N N 149 
HIS HA   H N N 150 
HIS HB2  H N N 151 
HIS HB3  H N N 152 
HIS HD1  H N N 153 
HIS HD2  H N N 154 
HIS HE1  H N N 155 
HIS HE2  H N N 156 
HIS HXT  H N N 157 
HOH O    O N N 158 
HOH H1   H N N 159 
HOH H2   H N N 160 
ILE N    N N N 161 
ILE CA   C N S 162 
ILE C    C N N 163 
ILE O    O N N 164 
ILE CB   C N S 165 
ILE CG1  C N N 166 
ILE CG2  C N N 167 
ILE CD1  C N N 168 
ILE OXT  O N N 169 
ILE H    H N N 170 
ILE H2   H N N 171 
ILE HA   H N N 172 
ILE HB   H N N 173 
ILE HG12 H N N 174 
ILE HG13 H N N 175 
ILE HG21 H N N 176 
ILE HG22 H N N 177 
ILE HG23 H N N 178 
ILE HD11 H N N 179 
ILE HD12 H N N 180 
ILE HD13 H N N 181 
ILE HXT  H N N 182 
LEU N    N N N 183 
LEU CA   C N S 184 
LEU C    C N N 185 
LEU O    O N N 186 
LEU CB   C N N 187 
LEU CG   C N N 188 
LEU CD1  C N N 189 
LEU CD2  C N N 190 
LEU OXT  O N N 191 
LEU H    H N N 192 
LEU H2   H N N 193 
LEU HA   H N N 194 
LEU HB2  H N N 195 
LEU HB3  H N N 196 
LEU HG   H N N 197 
LEU HD11 H N N 198 
LEU HD12 H N N 199 
LEU HD13 H N N 200 
LEU HD21 H N N 201 
LEU HD22 H N N 202 
LEU HD23 H N N 203 
LEU HXT  H N N 204 
LYS N    N N N 205 
LYS CA   C N S 206 
LYS C    C N N 207 
LYS O    O N N 208 
LYS CB   C N N 209 
LYS CG   C N N 210 
LYS CD   C N N 211 
LYS CE   C N N 212 
LYS NZ   N N N 213 
LYS OXT  O N N 214 
LYS H    H N N 215 
LYS H2   H N N 216 
LYS HA   H N N 217 
LYS HB2  H N N 218 
LYS HB3  H N N 219 
LYS HG2  H N N 220 
LYS HG3  H N N 221 
LYS HD2  H N N 222 
LYS HD3  H N N 223 
LYS HE2  H N N 224 
LYS HE3  H N N 225 
LYS HZ1  H N N 226 
LYS HZ2  H N N 227 
LYS HZ3  H N N 228 
LYS HXT  H N N 229 
PCA N    N N N 230 
PCA CA   C N S 231 
PCA CB   C N N 232 
PCA CG   C N N 233 
PCA CD   C N N 234 
PCA OE   O N N 235 
PCA C    C N N 236 
PCA O    O N N 237 
PCA OXT  O N N 238 
PCA H    H N N 239 
PCA HA   H N N 240 
PCA HB2  H N N 241 
PCA HB3  H N N 242 
PCA HG2  H N N 243 
PCA HG3  H N N 244 
PCA HXT  H N N 245 
PRO N    N N N 246 
PRO CA   C N S 247 
PRO C    C N N 248 
PRO O    O N N 249 
PRO CB   C N N 250 
PRO CG   C N N 251 
PRO CD   C N N 252 
PRO OXT  O N N 253 
PRO H    H N N 254 
PRO HA   H N N 255 
PRO HB2  H N N 256 
PRO HB3  H N N 257 
PRO HG2  H N N 258 
PRO HG3  H N N 259 
PRO HD2  H N N 260 
PRO HD3  H N N 261 
PRO HXT  H N N 262 
SER N    N N N 263 
SER CA   C N S 264 
SER C    C N N 265 
SER O    O N N 266 
SER CB   C N N 267 
SER OG   O N N 268 
SER OXT  O N N 269 
SER H    H N N 270 
SER H2   H N N 271 
SER HA   H N N 272 
SER HB2  H N N 273 
SER HB3  H N N 274 
SER HG   H N N 275 
SER HXT  H N N 276 
THR N    N N N 277 
THR CA   C N S 278 
THR C    C N N 279 
THR O    O N N 280 
THR CB   C N R 281 
THR OG1  O N N 282 
THR CG2  C N N 283 
THR OXT  O N N 284 
THR H    H N N 285 
THR H2   H N N 286 
THR HA   H N N 287 
THR HB   H N N 288 
THR HG1  H N N 289 
THR HG21 H N N 290 
THR HG22 H N N 291 
THR HG23 H N N 292 
THR HXT  H N N 293 
TRP N    N N N 294 
TRP CA   C N S 295 
TRP C    C N N 296 
TRP O    O N N 297 
TRP CB   C N N 298 
TRP CG   C Y N 299 
TRP CD1  C Y N 300 
TRP CD2  C Y N 301 
TRP NE1  N Y N 302 
TRP CE2  C Y N 303 
TRP CE3  C Y N 304 
TRP CZ2  C Y N 305 
TRP CZ3  C Y N 306 
TRP CH2  C Y N 307 
TRP OXT  O N N 308 
TRP H    H N N 309 
TRP H2   H N N 310 
TRP HA   H N N 311 
TRP HB2  H N N 312 
TRP HB3  H N N 313 
TRP HD1  H N N 314 
TRP HE1  H N N 315 
TRP HE3  H N N 316 
TRP HZ2  H N N 317 
TRP HZ3  H N N 318 
TRP HH2  H N N 319 
TRP HXT  H N N 320 
TYR N    N N N 321 
TYR CA   C N S 322 
TYR C    C N N 323 
TYR O    O N N 324 
TYR CB   C N N 325 
TYR CG   C Y N 326 
TYR CD1  C Y N 327 
TYR CD2  C Y N 328 
TYR CE1  C Y N 329 
TYR CE2  C Y N 330 
TYR CZ   C Y N 331 
TYR OH   O N N 332 
TYR OXT  O N N 333 
TYR H    H N N 334 
TYR H2   H N N 335 
TYR HA   H N N 336 
TYR HB2  H N N 337 
TYR HB3  H N N 338 
TYR HD1  H N N 339 
TYR HD2  H N N 340 
TYR HE1  H N N 341 
TYR HE2  H N N 342 
TYR HH   H N N 343 
TYR HXT  H N N 344 
VAL N    N N N 345 
VAL CA   C N S 346 
VAL C    C N N 347 
VAL O    O N N 348 
VAL CB   C N N 349 
VAL CG1  C N N 350 
VAL CG2  C N N 351 
VAL OXT  O N N 352 
VAL H    H N N 353 
VAL H2   H N N 354 
VAL HA   H N N 355 
VAL HB   H N N 356 
VAL HG11 H N N 357 
VAL HG12 H N N 358 
VAL HG13 H N N 359 
VAL HG21 H N N 360 
VAL HG22 H N N 361 
VAL HG23 H N N 362 
VAL HXT  H N N 363 
# 
loop_
_chem_comp_bond.comp_id 
_chem_comp_bond.atom_id_1 
_chem_comp_bond.atom_id_2 
_chem_comp_bond.value_order 
_chem_comp_bond.pdbx_aromatic_flag 
_chem_comp_bond.pdbx_stereo_config 
_chem_comp_bond.pdbx_ordinal 
ALA N   CA   sing N N 1   
ALA N   H    sing N N 2   
ALA N   H2   sing N N 3   
ALA CA  C    sing N N 4   
ALA CA  CB   sing N N 5   
ALA CA  HA   sing N N 6   
ALA C   O    doub N N 7   
ALA C   OXT  sing N N 8   
ALA CB  HB1  sing N N 9   
ALA CB  HB2  sing N N 10  
ALA CB  HB3  sing N N 11  
ALA OXT HXT  sing N N 12  
ARG N   CA   sing N N 13  
ARG N   H    sing N N 14  
ARG N   H2   sing N N 15  
ARG CA  C    sing N N 16  
ARG CA  CB   sing N N 17  
ARG CA  HA   sing N N 18  
ARG C   O    doub N N 19  
ARG C   OXT  sing N N 20  
ARG CB  CG   sing N N 21  
ARG CB  HB2  sing N N 22  
ARG CB  HB3  sing N N 23  
ARG CG  CD   sing N N 24  
ARG CG  HG2  sing N N 25  
ARG CG  HG3  sing N N 26  
ARG CD  NE   sing N N 27  
ARG CD  HD2  sing N N 28  
ARG CD  HD3  sing N N 29  
ARG NE  CZ   sing N N 30  
ARG NE  HE   sing N N 31  
ARG CZ  NH1  sing N N 32  
ARG CZ  NH2  doub N N 33  
ARG NH1 HH11 sing N N 34  
ARG NH1 HH12 sing N N 35  
ARG NH2 HH21 sing N N 36  
ARG NH2 HH22 sing N N 37  
ARG OXT HXT  sing N N 38  
ASN N   CA   sing N N 39  
ASN N   H    sing N N 40  
ASN N   H2   sing N N 41  
ASN CA  C    sing N N 42  
ASN CA  CB   sing N N 43  
ASN CA  HA   sing N N 44  
ASN C   O    doub N N 45  
ASN C   OXT  sing N N 46  
ASN CB  CG   sing N N 47  
ASN CB  HB2  sing N N 48  
ASN CB  HB3  sing N N 49  
ASN CG  OD1  doub N N 50  
ASN CG  ND2  sing N N 51  
ASN ND2 HD21 sing N N 52  
ASN ND2 HD22 sing N N 53  
ASN OXT HXT  sing N N 54  
ASP N   CA   sing N N 55  
ASP N   H    sing N N 56  
ASP N   H2   sing N N 57  
ASP CA  C    sing N N 58  
ASP CA  CB   sing N N 59  
ASP CA  HA   sing N N 60  
ASP C   O    doub N N 61  
ASP C   OXT  sing N N 62  
ASP CB  CG   sing N N 63  
ASP CB  HB2  sing N N 64  
ASP CB  HB3  sing N N 65  
ASP CG  OD1  doub N N 66  
ASP CG  OD2  sing N N 67  
ASP OD2 HD2  sing N N 68  
ASP OXT HXT  sing N N 69  
CYS N   CA   sing N N 70  
CYS N   H    sing N N 71  
CYS N   H2   sing N N 72  
CYS CA  C    sing N N 73  
CYS CA  CB   sing N N 74  
CYS CA  HA   sing N N 75  
CYS C   O    doub N N 76  
CYS C   OXT  sing N N 77  
CYS CB  SG   sing N N 78  
CYS CB  HB2  sing N N 79  
CYS CB  HB3  sing N N 80  
CYS SG  HG   sing N N 81  
CYS OXT HXT  sing N N 82  
GLN N   CA   sing N N 83  
GLN N   H    sing N N 84  
GLN N   H2   sing N N 85  
GLN CA  C    sing N N 86  
GLN CA  CB   sing N N 87  
GLN CA  HA   sing N N 88  
GLN C   O    doub N N 89  
GLN C   OXT  sing N N 90  
GLN CB  CG   sing N N 91  
GLN CB  HB2  sing N N 92  
GLN CB  HB3  sing N N 93  
GLN CG  CD   sing N N 94  
GLN CG  HG2  sing N N 95  
GLN CG  HG3  sing N N 96  
GLN CD  OE1  doub N N 97  
GLN CD  NE2  sing N N 98  
GLN NE2 HE21 sing N N 99  
GLN NE2 HE22 sing N N 100 
GLN OXT HXT  sing N N 101 
GLU N   CA   sing N N 102 
GLU N   H    sing N N 103 
GLU N   H2   sing N N 104 
GLU CA  C    sing N N 105 
GLU CA  CB   sing N N 106 
GLU CA  HA   sing N N 107 
GLU C   O    doub N N 108 
GLU C   OXT  sing N N 109 
GLU CB  CG   sing N N 110 
GLU CB  HB2  sing N N 111 
GLU CB  HB3  sing N N 112 
GLU CG  CD   sing N N 113 
GLU CG  HG2  sing N N 114 
GLU CG  HG3  sing N N 115 
GLU CD  OE1  doub N N 116 
GLU CD  OE2  sing N N 117 
GLU OE2 HE2  sing N N 118 
GLU OXT HXT  sing N N 119 
GLY N   CA   sing N N 120 
GLY N   H    sing N N 121 
GLY N   H2   sing N N 122 
GLY CA  C    sing N N 123 
GLY CA  HA2  sing N N 124 
GLY CA  HA3  sing N N 125 
GLY C   O    doub N N 126 
GLY C   OXT  sing N N 127 
GLY OXT HXT  sing N N 128 
HIS N   CA   sing N N 129 
HIS N   H    sing N N 130 
HIS N   H2   sing N N 131 
HIS CA  C    sing N N 132 
HIS CA  CB   sing N N 133 
HIS CA  HA   sing N N 134 
HIS C   O    doub N N 135 
HIS C   OXT  sing N N 136 
HIS CB  CG   sing N N 137 
HIS CB  HB2  sing N N 138 
HIS CB  HB3  sing N N 139 
HIS CG  ND1  sing Y N 140 
HIS CG  CD2  doub Y N 141 
HIS ND1 CE1  doub Y N 142 
HIS ND1 HD1  sing N N 143 
HIS CD2 NE2  sing Y N 144 
HIS CD2 HD2  sing N N 145 
HIS CE1 NE2  sing Y N 146 
HIS CE1 HE1  sing N N 147 
HIS NE2 HE2  sing N N 148 
HIS OXT HXT  sing N N 149 
HOH O   H1   sing N N 150 
HOH O   H2   sing N N 151 
ILE N   CA   sing N N 152 
ILE N   H    sing N N 153 
ILE N   H2   sing N N 154 
ILE CA  C    sing N N 155 
ILE CA  CB   sing N N 156 
ILE CA  HA   sing N N 157 
ILE C   O    doub N N 158 
ILE C   OXT  sing N N 159 
ILE CB  CG1  sing N N 160 
ILE CB  CG2  sing N N 161 
ILE CB  HB   sing N N 162 
ILE CG1 CD1  sing N N 163 
ILE CG1 HG12 sing N N 164 
ILE CG1 HG13 sing N N 165 
ILE CG2 HG21 sing N N 166 
ILE CG2 HG22 sing N N 167 
ILE CG2 HG23 sing N N 168 
ILE CD1 HD11 sing N N 169 
ILE CD1 HD12 sing N N 170 
ILE CD1 HD13 sing N N 171 
ILE OXT HXT  sing N N 172 
LEU N   CA   sing N N 173 
LEU N   H    sing N N 174 
LEU N   H2   sing N N 175 
LEU CA  C    sing N N 176 
LEU CA  CB   sing N N 177 
LEU CA  HA   sing N N 178 
LEU C   O    doub N N 179 
LEU C   OXT  sing N N 180 
LEU CB  CG   sing N N 181 
LEU CB  HB2  sing N N 182 
LEU CB  HB3  sing N N 183 
LEU CG  CD1  sing N N 184 
LEU CG  CD2  sing N N 185 
LEU CG  HG   sing N N 186 
LEU CD1 HD11 sing N N 187 
LEU CD1 HD12 sing N N 188 
LEU CD1 HD13 sing N N 189 
LEU CD2 HD21 sing N N 190 
LEU CD2 HD22 sing N N 191 
LEU CD2 HD23 sing N N 192 
LEU OXT HXT  sing N N 193 
LYS N   CA   sing N N 194 
LYS N   H    sing N N 195 
LYS N   H2   sing N N 196 
LYS CA  C    sing N N 197 
LYS CA  CB   sing N N 198 
LYS CA  HA   sing N N 199 
LYS C   O    doub N N 200 
LYS C   OXT  sing N N 201 
LYS CB  CG   sing N N 202 
LYS CB  HB2  sing N N 203 
LYS CB  HB3  sing N N 204 
LYS CG  CD   sing N N 205 
LYS CG  HG2  sing N N 206 
LYS CG  HG3  sing N N 207 
LYS CD  CE   sing N N 208 
LYS CD  HD2  sing N N 209 
LYS CD  HD3  sing N N 210 
LYS CE  NZ   sing N N 211 
LYS CE  HE2  sing N N 212 
LYS CE  HE3  sing N N 213 
LYS NZ  HZ1  sing N N 214 
LYS NZ  HZ2  sing N N 215 
LYS NZ  HZ3  sing N N 216 
LYS OXT HXT  sing N N 217 
PCA N   CA   sing N N 218 
PCA N   CD   sing N N 219 
PCA N   H    sing N N 220 
PCA CA  CB   sing N N 221 
PCA CA  C    sing N N 222 
PCA CA  HA   sing N N 223 
PCA CB  CG   sing N N 224 
PCA CB  HB2  sing N N 225 
PCA CB  HB3  sing N N 226 
PCA CG  CD   sing N N 227 
PCA CG  HG2  sing N N 228 
PCA CG  HG3  sing N N 229 
PCA CD  OE   doub N N 230 
PCA C   O    doub N N 231 
PCA C   OXT  sing N N 232 
PCA OXT HXT  sing N N 233 
PRO N   CA   sing N N 234 
PRO N   CD   sing N N 235 
PRO N   H    sing N N 236 
PRO CA  C    sing N N 237 
PRO CA  CB   sing N N 238 
PRO CA  HA   sing N N 239 
PRO C   O    doub N N 240 
PRO C   OXT  sing N N 241 
PRO CB  CG   sing N N 242 
PRO CB  HB2  sing N N 243 
PRO CB  HB3  sing N N 244 
PRO CG  CD   sing N N 245 
PRO CG  HG2  sing N N 246 
PRO CG  HG3  sing N N 247 
PRO CD  HD2  sing N N 248 
PRO CD  HD3  sing N N 249 
PRO OXT HXT  sing N N 250 
SER N   CA   sing N N 251 
SER N   H    sing N N 252 
SER N   H2   sing N N 253 
SER CA  C    sing N N 254 
SER CA  CB   sing N N 255 
SER CA  HA   sing N N 256 
SER C   O    doub N N 257 
SER C   OXT  sing N N 258 
SER CB  OG   sing N N 259 
SER CB  HB2  sing N N 260 
SER CB  HB3  sing N N 261 
SER OG  HG   sing N N 262 
SER OXT HXT  sing N N 263 
THR N   CA   sing N N 264 
THR N   H    sing N N 265 
THR N   H2   sing N N 266 
THR CA  C    sing N N 267 
THR CA  CB   sing N N 268 
THR CA  HA   sing N N 269 
THR C   O    doub N N 270 
THR C   OXT  sing N N 271 
THR CB  OG1  sing N N 272 
THR CB  CG2  sing N N 273 
THR CB  HB   sing N N 274 
THR OG1 HG1  sing N N 275 
THR CG2 HG21 sing N N 276 
THR CG2 HG22 sing N N 277 
THR CG2 HG23 sing N N 278 
THR OXT HXT  sing N N 279 
TRP N   CA   sing N N 280 
TRP N   H    sing N N 281 
TRP N   H2   sing N N 282 
TRP CA  C    sing N N 283 
TRP CA  CB   sing N N 284 
TRP CA  HA   sing N N 285 
TRP C   O    doub N N 286 
TRP C   OXT  sing N N 287 
TRP CB  CG   sing N N 288 
TRP CB  HB2  sing N N 289 
TRP CB  HB3  sing N N 290 
TRP CG  CD1  doub Y N 291 
TRP CG  CD2  sing Y N 292 
TRP CD1 NE1  sing Y N 293 
TRP CD1 HD1  sing N N 294 
TRP CD2 CE2  doub Y N 295 
TRP CD2 CE3  sing Y N 296 
TRP NE1 CE2  sing Y N 297 
TRP NE1 HE1  sing N N 298 
TRP CE2 CZ2  sing Y N 299 
TRP CE3 CZ3  doub Y N 300 
TRP CE3 HE3  sing N N 301 
TRP CZ2 CH2  doub Y N 302 
TRP CZ2 HZ2  sing N N 303 
TRP CZ3 CH2  sing Y N 304 
TRP CZ3 HZ3  sing N N 305 
TRP CH2 HH2  sing N N 306 
TRP OXT HXT  sing N N 307 
TYR N   CA   sing N N 308 
TYR N   H    sing N N 309 
TYR N   H2   sing N N 310 
TYR CA  C    sing N N 311 
TYR CA  CB   sing N N 312 
TYR CA  HA   sing N N 313 
TYR C   O    doub N N 314 
TYR C   OXT  sing N N 315 
TYR CB  CG   sing N N 316 
TYR CB  HB2  sing N N 317 
TYR CB  HB3  sing N N 318 
TYR CG  CD1  doub Y N 319 
TYR CG  CD2  sing Y N 320 
TYR CD1 CE1  sing Y N 321 
TYR CD1 HD1  sing N N 322 
TYR CD2 CE2  doub Y N 323 
TYR CD2 HD2  sing N N 324 
TYR CE1 CZ   doub Y N 325 
TYR CE1 HE1  sing N N 326 
TYR CE2 CZ   sing Y N 327 
TYR CE2 HE2  sing N N 328 
TYR CZ  OH   sing N N 329 
TYR OH  HH   sing N N 330 
TYR OXT HXT  sing N N 331 
VAL N   CA   sing N N 332 
VAL N   H    sing N N 333 
VAL N   H2   sing N N 334 
VAL CA  C    sing N N 335 
VAL CA  CB   sing N N 336 
VAL CA  HA   sing N N 337 
VAL C   O    doub N N 338 
VAL C   OXT  sing N N 339 
VAL CB  CG1  sing N N 340 
VAL CB  CG2  sing N N 341 
VAL CB  HB   sing N N 342 
VAL CG1 HG11 sing N N 343 
VAL CG1 HG12 sing N N 344 
VAL CG1 HG13 sing N N 345 
VAL CG2 HG21 sing N N 346 
VAL CG2 HG22 sing N N 347 
VAL CG2 HG23 sing N N 348 
VAL OXT HXT  sing N N 349 
# 
_atom_sites.entry_id                    1EHD 
_atom_sites.fract_transf_matrix[1][1]   -0.00280443 
_atom_sites.fract_transf_matrix[1][2]   0.01751216 
_atom_sites.fract_transf_matrix[1][3]   0.02582446 
_atom_sites.fract_transf_matrix[2][1]   0.02161490 
_atom_sites.fract_transf_matrix[2][2]   -0.00780761 
_atom_sites.fract_transf_matrix[2][3]   0.00764181 
_atom_sites.fract_transf_matrix[3][1]   0.00578295 
_atom_sites.fract_transf_matrix[3][2]   0.00999230 
_atom_sites.fract_transf_matrix[3][3]   -0.00614800 
_atom_sites.fract_transf_vector[1]      0.587449 
_atom_sites.fract_transf_vector[2]      0.456672 
_atom_sites.fract_transf_vector[3]      0.158790 
# 
loop_
_atom_type.symbol 
C 
N 
O 
S 
# 
loop_
_atom_site.group_PDB 
_atom_site.id 
_atom_site.type_symbol 
_atom_site.label_atom_id 
_atom_site.label_alt_id 
_atom_site.label_comp_id 
_atom_site.label_asym_id 
_atom_site.label_entity_id 
_atom_site.label_seq_id 
_atom_site.pdbx_PDB_ins_code 
_atom_site.Cartn_x 
_atom_site.Cartn_y 
_atom_site.Cartn_z 
_atom_site.occupancy 
_atom_site.B_iso_or_equiv 
_atom_site.pdbx_formal_charge 
_atom_site.auth_seq_id 
_atom_site.auth_comp_id 
_atom_site.auth_asym_id 
_atom_site.auth_atom_id 
_atom_site.pdbx_PDB_model_num 
HETATM 1   N N   . PCA A 1 1  ? -13.565 0.477   -0.567  1.00 25.30 ? 1   PCA A N   1 
HETATM 2   C CA  . PCA A 1 1  ? -14.364 -0.615  -1.076  1.00 24.18 ? 1   PCA A CA  1 
HETATM 3   C CB  . PCA A 1 1  ? -14.066 -0.683  -2.568  1.00 24.07 ? 1   PCA A CB  1 
HETATM 4   C CG  . PCA A 1 1  ? -12.896 0.232   -2.745  1.00 24.61 ? 1   PCA A CG  1 
HETATM 5   C CD  . PCA A 1 1  ? -12.564 0.783   -1.377  1.00 25.46 ? 1   PCA A CD  1 
HETATM 6   O OE  . PCA A 1 1  ? -11.790 1.722   -1.194  1.00 25.42 ? 1   PCA A OE  1 
HETATM 7   C C   . PCA A 1 1  ? -14.089 -1.934  -0.374  1.00 22.03 ? 1   PCA A C   1 
HETATM 8   O O   . PCA A 1 1  ? -13.412 -2.019  0.651   1.00 20.55 ? 1   PCA A O   1 
ATOM   9   N N   . ARG A 1 2  ? -14.713 -2.936  -0.943  1.00 21.08 ? 2   ARG A N   1 
ATOM   10  C CA  . ARG A 1 2  ? -14.587 -4.293  -0.464  1.00 21.34 ? 2   ARG A CA  1 
ATOM   11  C C   . ARG A 1 2  ? -13.456 -4.975  -1.195  1.00 18.50 ? 2   ARG A C   1 
ATOM   12  O O   . ARG A 1 2  ? -13.199 -4.698  -2.365  1.00 18.40 ? 2   ARG A O   1 
ATOM   13  C CB  . ARG A 1 2  ? -15.858 -5.034  -0.719  1.00 25.28 ? 2   ARG A CB  1 
ATOM   14  C CG  . ARG A 1 2  ? -16.919 -4.328  0.084   1.00 28.54 ? 2   ARG A CG  1 
ATOM   15  C CD  . ARG A 1 2  ? -17.545 -5.367  0.917   1.00 32.50 ? 2   ARG A CD  1 
ATOM   16  N NE  . ARG A 1 2  ? -16.831 -5.622  2.150   1.00 33.58 ? 2   ARG A NE  1 
ATOM   17  C CZ  . ARG A 1 2  ? -17.049 -6.771  2.780   1.00 35.29 ? 2   ARG A CZ  1 
ATOM   18  N NH1 . ARG A 1 2  ? -17.880 -7.709  2.312   1.00 37.51 ? 2   ARG A NH1 1 
ATOM   19  N NH2 . ARG A 1 2  ? -16.478 -6.966  3.945   1.00 36.25 ? 2   ARG A NH2 1 
ATOM   20  N N   . CYS A 1 3  ? -12.793 -5.916  -0.570  1.00 15.24 ? 3   CYS A N   1 
ATOM   21  C CA  . CYS A 1 3  ? -11.612 -6.485  -1.173  1.00 14.52 ? 3   CYS A CA  1 
ATOM   22  C C   . CYS A 1 3  ? -11.373 -7.856  -0.567  1.00 15.08 ? 3   CYS A C   1 
ATOM   23  O O   . CYS A 1 3  ? -12.032 -8.238  0.419   1.00 14.00 ? 3   CYS A O   1 
ATOM   24  C CB  . CYS A 1 3  ? -10.413 -5.542  -0.894  1.00 11.72 ? 3   CYS A CB  1 
ATOM   25  S SG  . CYS A 1 3  ? -10.267 -5.190  0.866   1.00 13.42 ? 3   CYS A SG  1 
ATOM   26  N N   . GLY A 1 4  ? -10.436 -8.565  -1.187  1.00 15.64 ? 4   GLY A N   1 
ATOM   27  C CA  . GLY A 1 4  ? -9.936  -9.838  -0.715  1.00 16.33 ? 4   GLY A CA  1 
ATOM   28  C C   . GLY A 1 4  ? -10.995 -10.939 -0.639  1.00 18.87 ? 4   GLY A C   1 
ATOM   29  O O   . GLY A 1 4  ? -12.006 -10.900 -1.351  1.00 18.71 ? 4   GLY A O   1 
ATOM   30  N N   . SER A 1 5  ? -10.806 -11.904 0.255   1.00 20.12 ? 5   SER A N   1 
ATOM   31  C CA  . SER A 1 5  ? -11.677 -13.061 0.331   1.00 21.13 ? 5   SER A CA  1 
ATOM   32  C C   . SER A 1 5  ? -13.100 -12.634 0.731   1.00 21.54 ? 5   SER A C   1 
ATOM   33  O O   . SER A 1 5  ? -14.070 -13.164 0.172   1.00 21.99 ? 5   SER A O   1 
ATOM   34  C CB  . SER A 1 5  ? -11.018 -14.063 1.328   1.00 21.23 ? 5   SER A CB  1 
ATOM   35  O OG  . SER A 1 5  ? -10.724 -13.527 2.619   1.00 22.68 ? 5   SER A OG  1 
ATOM   36  N N   . GLN A 1 6  ? -13.313 -11.658 1.617   1.00 21.57 ? 6   GLN A N   1 
ATOM   37  C CA  . GLN A 1 6  ? -14.657 -11.177 1.910   1.00 22.99 ? 6   GLN A CA  1 
ATOM   38  C C   . GLN A 1 6  ? -15.285 -10.411 0.791   1.00 22.55 ? 6   GLN A C   1 
ATOM   39  O O   . GLN A 1 6  ? -16.505 -10.330 0.722   1.00 25.32 ? 6   GLN A O   1 
ATOM   40  C CB  . GLN A 1 6  ? -14.706 -10.233 3.057   1.00 27.39 ? 6   GLN A CB  1 
ATOM   41  C CG  . GLN A 1 6  ? -15.233 -10.843 4.312   1.00 34.88 ? 6   GLN A CG  1 
ATOM   42  C CD  . GLN A 1 6  ? -14.525 -12.145 4.636   1.00 38.91 ? 6   GLN A CD  1 
ATOM   43  O OE1 . GLN A 1 6  ? -15.059 -13.240 4.404   1.00 41.27 ? 6   GLN A OE1 1 
ATOM   44  N NE2 . GLN A 1 6  ? -13.299 -12.096 5.155   1.00 41.47 ? 6   GLN A NE2 1 
ATOM   45  N N   . GLY A 1 7  ? -14.503 -9.799  -0.076  1.00 20.21 ? 7   GLY A N   1 
ATOM   46  C CA  . GLY A 1 7  ? -15.065 -8.970  -1.110  1.00 17.89 ? 7   GLY A CA  1 
ATOM   47  C C   . GLY A 1 7  ? -14.852 -9.501  -2.501  1.00 18.29 ? 7   GLY A C   1 
ATOM   48  O O   . GLY A 1 7  ? -14.614 -8.708  -3.414  1.00 22.87 ? 7   GLY A O   1 
ATOM   49  N N   . GLY A 1 8  ? -14.821 -10.790 -2.779  1.00 16.25 ? 8   GLY A N   1 
ATOM   50  C CA  . GLY A 1 8  ? -14.786 -11.227 -4.159  1.00 15.51 ? 8   GLY A CA  1 
ATOM   51  C C   . GLY A 1 8  ? -13.415 -11.437 -4.747  1.00 14.58 ? 8   GLY A C   1 
ATOM   52  O O   . GLY A 1 8  ? -13.303 -11.932 -5.869  1.00 14.20 ? 8   GLY A O   1 
ATOM   53  N N   . GLY A 1 9  ? -12.357 -11.097 -4.022  1.00 16.85 ? 9   GLY A N   1 
ATOM   54  C CA  . GLY A 1 9  ? -10.998 -11.310 -4.503  1.00 17.16 ? 9   GLY A CA  1 
ATOM   55  C C   . GLY A 1 9  ? -10.377 -10.071 -5.141  1.00 19.02 ? 9   GLY A C   1 
ATOM   56  O O   . GLY A 1 9  ? -9.310  -10.122 -5.759  1.00 20.50 ? 9   GLY A O   1 
ATOM   57  N N   . ALA A 1 10 ? -11.081 -8.954  -4.989  1.00 19.32 ? 10  ALA A N   1 
ATOM   58  C CA  . ALA A 1 10 ? -10.616 -7.651  -5.442  1.00 20.68 ? 10  ALA A CA  1 
ATOM   59  C C   . ALA A 1 10 ? -9.380  -7.137  -4.680  1.00 21.06 ? 10  ALA A C   1 
ATOM   60  O O   . ALA A 1 10 ? -9.222  -7.381  -3.472  1.00 18.22 ? 10  ALA A O   1 
ATOM   61  C CB  . ALA A 1 10 ? -11.744 -6.623  -5.259  1.00 19.95 ? 10  ALA A CB  1 
ATOM   62  N N   . THR A 1 11 ? -8.489  -6.425  -5.373  1.00 21.36 ? 11  THR A N   1 
ATOM   63  C CA  . THR A 1 11 ? -7.384  -5.705  -4.753  1.00 21.41 ? 11  THR A CA  1 
ATOM   64  C C   . THR A 1 11 ? -7.953  -4.321  -4.497  1.00 18.49 ? 11  THR A C   1 
ATOM   65  O O   . THR A 1 11 ? -8.861  -3.882  -5.211  1.00 21.13 ? 11  THR A O   1 
ATOM   66  C CB  . THR A 1 11 ? -6.193  -5.588  -5.714  1.00 23.45 ? 11  THR A CB  1 
ATOM   67  O OG1 . THR A 1 11 ? -5.914  -6.902  -6.151  1.00 26.72 ? 11  THR A OG1 1 
ATOM   68  C CG2 . THR A 1 11 ? -4.936  -5.031  -5.061  1.00 25.79 ? 11  THR A CG2 1 
ATOM   69  N N   . CYS A 1 12 ? -7.505  -3.590  -3.514  1.00 15.91 ? 12  CYS A N   1 
ATOM   70  C CA  . CYS A 1 12 ? -8.011  -2.267  -3.297  1.00 13.87 ? 12  CYS A CA  1 
ATOM   71  C C   . CYS A 1 12 ? -7.536  -1.318  -4.381  1.00 15.92 ? 12  CYS A C   1 
ATOM   72  O O   . CYS A 1 12 ? -6.361  -1.393  -4.774  1.00 14.14 ? 12  CYS A O   1 
ATOM   73  C CB  . CYS A 1 12 ? -7.547  -1.746  -1.987  1.00 13.06 ? 12  CYS A CB  1 
ATOM   74  S SG  . CYS A 1 12 ? -8.286  -2.686  -0.634  1.00 12.80 ? 12  CYS A SG  1 
ATOM   75  N N   . PRO A 1 13 ? -8.427  -0.434  -4.896  1.00 16.36 ? 13  PRO A N   1 
ATOM   76  C CA  . PRO A 1 13 ? -8.081  0.762   -5.667  1.00 17.62 ? 13  PRO A CA  1 
ATOM   77  C C   . PRO A 1 13 ? -7.018  1.580   -4.924  1.00 15.67 ? 13  PRO A C   1 
ATOM   78  O O   . PRO A 1 13 ? -7.097  1.748   -3.706  1.00 17.15 ? 13  PRO A O   1 
ATOM   79  C CB  . PRO A 1 13 ? -9.406  1.481   -5.810  1.00 17.55 ? 13  PRO A CB  1 
ATOM   80  C CG  . PRO A 1 13 ? -10.409 0.379   -5.739  1.00 16.77 ? 13  PRO A CG  1 
ATOM   81  C CD  . PRO A 1 13 ? -9.848  -0.369  -4.563  1.00 16.39 ? 13  PRO A CD  1 
ATOM   82  N N   . GLY A 1 14 ? -5.976  2.077   -5.596  1.00 16.04 ? 14  GLY A N   1 
ATOM   83  C CA  . GLY A 1 14 ? -4.903  2.827   -4.941  1.00 14.11 ? 14  GLY A CA  1 
ATOM   84  C C   . GLY A 1 14 ? -3.916  1.965   -4.151  1.00 12.48 ? 14  GLY A C   1 
ATOM   85  O O   . GLY A 1 14 ? -3.127  2.495   -3.386  1.00 13.71 ? 14  GLY A O   1 
ATOM   86  N N   . LEU A 1 15 ? -3.958  0.652   -4.352  1.00 13.26 ? 15  LEU A N   1 
ATOM   87  C CA  . LEU A 1 15 ? -3.119  -0.329  -3.667  1.00 14.66 ? 15  LEU A CA  1 
ATOM   88  C C   . LEU A 1 15 ? -3.113  -0.123  -2.155  1.00 15.07 ? 15  LEU A C   1 
ATOM   89  O O   . LEU A 1 15 ? -2.100  -0.241  -1.475  1.00 16.18 ? 15  LEU A O   1 
ATOM   90  C CB  . LEU A 1 15 ? -1.665  -0.294  -4.228  1.00 16.88 ? 15  LEU A CB  1 
ATOM   91  C CG  . LEU A 1 15 ? -1.267  -0.908  -5.570  1.00 18.29 ? 15  LEU A CG  1 
ATOM   92  C CD1 . LEU A 1 15 ? -1.916  -2.257  -5.755  1.00 20.62 ? 15  LEU A CD1 1 
ATOM   93  C CD2 . LEU A 1 15 ? -1.746  -0.046  -6.695  1.00 20.61 ? 15  LEU A CD2 1 
ATOM   94  N N   . ARG A 1 16 ? -4.295  0.168   -1.597  1.00 12.30 ? 16  ARG A N   1 
ATOM   95  C CA  . ARG A 1 16 ? -4.418  0.316   -0.177  1.00 11.16 ? 16  ARG A CA  1 
ATOM   96  C C   . ARG A 1 16 ? -4.523  -1.098  0.408   1.00 8.72  ? 16  ARG A C   1 
ATOM   97  O O   . ARG A 1 16 ? -4.661  -2.101  -0.308  1.00 9.02  ? 16  ARG A O   1 
ATOM   98  C CB  . ARG A 1 16 ? -5.637  1.153   0.105   1.00 12.87 ? 16  ARG A CB  1 
ATOM   99  C CG  . ARG A 1 16 ? -5.466  2.538   -0.527  1.00 16.51 ? 16  ARG A CG  1 
ATOM   100 C CD  . ARG A 1 16 ? -6.304  3.614   0.148   1.00 18.78 ? 16  ARG A CD  1 
ATOM   101 N NE  . ARG A 1 16 ? -7.717  3.342   0.027   1.00 22.77 ? 16  ARG A NE  1 
ATOM   102 C CZ  . ARG A 1 16 ? -8.617  3.655   0.950   1.00 23.03 ? 16  ARG A CZ  1 
ATOM   103 N NH1 . ARG A 1 16 ? -8.327  4.282   2.097   1.00 24.62 ? 16  ARG A NH1 1 
ATOM   104 N NH2 . ARG A 1 16 ? -9.858  3.243   0.733   1.00 24.45 ? 16  ARG A NH2 1 
ATOM   105 N N   . CYS A 1 17 ? -4.453  -1.148  1.718   1.00 9.91  ? 17  CYS A N   1 
ATOM   106 C CA  . CYS A 1 17 ? -4.471  -2.404  2.486   1.00 10.83 ? 17  CYS A CA  1 
ATOM   107 C C   . CYS A 1 17 ? -5.892  -2.933  2.541   1.00 10.89 ? 17  CYS A C   1 
ATOM   108 O O   . CYS A 1 17 ? -6.824  -2.137  2.716   1.00 11.27 ? 17  CYS A O   1 
ATOM   109 C CB  . CYS A 1 17 ? -4.055  -2.203  3.922   1.00 9.56  ? 17  CYS A CB  1 
ATOM   110 S SG  . CYS A 1 17 ? -2.473  -1.311  4.135   1.00 10.81 ? 17  CYS A SG  1 
ATOM   111 N N   . CYS A 1 18 ? -6.002  -4.251  2.444   1.00 10.73 ? 18  CYS A N   1 
ATOM   112 C CA  . CYS A 1 18 ? -7.293  -4.907  2.547   1.00 9.75  ? 18  CYS A CA  1 
ATOM   113 C C   . CYS A 1 18 ? -7.313  -5.577  3.908   1.00 11.84 ? 18  CYS A C   1 
ATOM   114 O O   . CYS A 1 18 ? -6.449  -6.439  4.144   1.00 12.03 ? 18  CYS A O   1 
ATOM   115 C CB  . CYS A 1 18 ? -7.445  -5.942  1.465   1.00 10.19 ? 18  CYS A CB  1 
ATOM   116 S SG  . CYS A 1 18 ? -9.096  -6.704  1.555   1.00 11.36 ? 18  CYS A SG  1 
ATOM   117 N N   . SER A 1 19 ? -8.227  -5.206  4.801   1.00 11.19 ? 19  SER A N   1 
ATOM   118 C CA  . SER A 1 19 ? -8.271  -5.822  6.115   1.00 13.29 ? 19  SER A CA  1 
ATOM   119 C C   . SER A 1 19 ? -8.790  -7.259  6.000   1.00 14.55 ? 19  SER A C   1 
ATOM   120 O O   . SER A 1 19 ? -9.333  -7.688  4.967   1.00 14.98 ? 19  SER A O   1 
ATOM   121 C CB  . SER A 1 19 ? -9.170  -4.998  7.024   1.00 13.72 ? 19  SER A CB  1 
ATOM   122 O OG  . SER A 1 19 ? -10.535 -5.203  6.662   1.00 13.80 ? 19  SER A OG  1 
ATOM   123 N N   . ILE A 1 20 ? -8.693  -8.039  7.080   1.00 16.57 ? 20  ILE A N   1 
ATOM   124 C CA  . ILE A 1 20 ? -9.232  -9.399  7.081   1.00 17.85 ? 20  ILE A CA  1 
ATOM   125 C C   . ILE A 1 20 ? -10.752 -9.376  6.969   1.00 17.21 ? 20  ILE A C   1 
ATOM   126 O O   . ILE A 1 20 ? -11.358 -10.379 6.590   1.00 17.49 ? 20  ILE A O   1 
ATOM   127 C CB  . ILE A 1 20 ? -8.850  -10.201 8.381   1.00 17.89 ? 20  ILE A CB  1 
ATOM   128 C CG1 . ILE A 1 20 ? -9.150  -9.464  9.661   1.00 18.24 ? 20  ILE A CG1 1 
ATOM   129 C CG2 . ILE A 1 20 ? -7.371  -10.530 8.262   1.00 19.26 ? 20  ILE A CG2 1 
ATOM   130 C CD1 . ILE A 1 20 ? -8.924  -10.285 10.946  1.00 19.26 ? 20  ILE A CD1 1 
ATOM   131 N N   . TRP A 1 21 ? -11.381 -8.244  7.282   1.00 17.13 ? 21  TRP A N   1 
ATOM   132 C CA  . TRP A 1 21 ? -12.829 -8.113  7.154   1.00 16.94 ? 21  TRP A CA  1 
ATOM   133 C C   . TRP A 1 21 ? -13.282 -7.716  5.746   1.00 18.18 ? 21  TRP A C   1 
ATOM   134 O O   . TRP A 1 21 ? -14.484 -7.573  5.521   1.00 18.57 ? 21  TRP A O   1 
ATOM   135 C CB  . TRP A 1 21 ? -13.322 -7.105  8.165   1.00 16.09 ? 21  TRP A CB  1 
ATOM   136 C CG  . TRP A 1 21 ? -12.983 -7.587  9.555   1.00 18.44 ? 21  TRP A CG  1 
ATOM   137 C CD1 . TRP A 1 21 ? -13.616 -8.661  10.113  1.00 19.23 ? 21  TRP A CD1 1 
ATOM   138 C CD2 . TRP A 1 21 ? -12.006 -7.070  10.354  1.00 19.56 ? 21  TRP A CD2 1 
ATOM   139 N NE1 . TRP A 1 21 ? -13.031 -8.830  11.272  1.00 20.61 ? 21  TRP A NE1 1 
ATOM   140 C CE2 . TRP A 1 21 ? -12.072 -7.915  11.465  1.00 20.23 ? 21  TRP A CE2 1 
ATOM   141 C CE3 . TRP A 1 21 ? -11.078 -6.041  10.317  1.00 19.56 ? 21  TRP A CE3 1 
ATOM   142 C CZ2 . TRP A 1 21 ? -11.220 -7.738  12.546  1.00 19.17 ? 21  TRP A CZ2 1 
ATOM   143 C CZ3 . TRP A 1 21 ? -10.216 -5.860  11.398  1.00 19.59 ? 21  TRP A CZ3 1 
ATOM   144 C CH2 . TRP A 1 21 ? -10.286 -6.703  12.511  1.00 19.78 ? 21  TRP A CH2 1 
ATOM   145 N N   . GLY A 1 22 ? -12.365 -7.550  4.782   1.00 14.69 ? 22  GLY A N   1 
ATOM   146 C CA  . GLY A 1 22 ? -12.706 -7.293  3.393   1.00 14.17 ? 22  GLY A CA  1 
ATOM   147 C C   . GLY A 1 22 ? -13.008 -5.847  3.050   1.00 13.18 ? 22  GLY A C   1 
ATOM   148 O O   . GLY A 1 22 ? -13.819 -5.568  2.170   1.00 13.93 ? 22  GLY A O   1 
ATOM   149 N N   . TRP A 1 23 ? -12.336 -4.910  3.686   1.00 13.97 ? 23  TRP A N   1 
ATOM   150 C CA  . TRP A 1 23 ? -12.513 -3.494  3.422   1.00 14.06 ? 23  TRP A CA  1 
ATOM   151 C C   . TRP A 1 23 ? -11.150 -2.847  3.194   1.00 14.71 ? 23  TRP A C   1 
ATOM   152 O O   . TRP A 1 23 ? -10.160 -3.273  3.795   1.00 12.18 ? 23  TRP A O   1 
ATOM   153 C CB  . TRP A 1 23 ? -13.182 -2.817  4.608   1.00 17.51 ? 23  TRP A CB  1 
ATOM   154 C CG  . TRP A 1 23 ? -14.636 -3.205  4.703   1.00 21.57 ? 23  TRP A CG  1 
ATOM   155 C CD1 . TRP A 1 23 ? -15.075 -4.199  5.537   1.00 22.96 ? 23  TRP A CD1 1 
ATOM   156 C CD2 . TRP A 1 23 ? -15.634 -2.643  3.957   1.00 25.23 ? 23  TRP A CD2 1 
ATOM   157 N NE1 . TRP A 1 23 ? -16.366 -4.269  5.324   1.00 23.22 ? 23  TRP A NE1 1 
ATOM   158 C CE2 . TRP A 1 23 ? -16.748 -3.370  4.401   1.00 26.00 ? 23  TRP A CE2 1 
ATOM   159 C CE3 . TRP A 1 23 ? -15.760 -1.638  2.993   1.00 27.50 ? 23  TRP A CE3 1 
ATOM   160 C CZ2 . TRP A 1 23 ? -18.012 -3.102  3.876   1.00 27.89 ? 23  TRP A CZ2 1 
ATOM   161 C CZ3 . TRP A 1 23 ? -17.023 -1.379  2.469   1.00 28.99 ? 23  TRP A CZ3 1 
ATOM   162 C CH2 . TRP A 1 23 ? -18.136 -2.103  2.910   1.00 28.30 ? 23  TRP A CH2 1 
ATOM   163 N N   . CYS A 1 24 ? -11.084 -1.796  2.388   1.00 14.07 ? 24  CYS A N   1 
ATOM   164 C CA  . CYS A 1 24 ? -9.849  -1.085  2.069   1.00 12.95 ? 24  CYS A CA  1 
ATOM   165 C C   . CYS A 1 24 ? -9.545  0.067   3.002   1.00 13.05 ? 24  CYS A C   1 
ATOM   166 O O   . CYS A 1 24 ? -10.467 0.765   3.475   1.00 13.13 ? 24  CYS A O   1 
ATOM   167 C CB  . CYS A 1 24 ? -9.957  -0.566  0.674   1.00 10.28 ? 24  CYS A CB  1 
ATOM   168 S SG  . CYS A 1 24 ? -10.135 -1.844  -0.538  1.00 12.08 ? 24  CYS A SG  1 
ATOM   169 N N   . GLY A 1 25 ? -8.283  0.356   3.342   1.00 11.50 ? 25  GLY A N   1 
ATOM   170 C CA  . GLY A 1 25 ? -7.978  1.454   4.234   1.00 12.18 ? 25  GLY A CA  1 
ATOM   171 C C   . GLY A 1 25 ? -6.475  1.561   4.384   1.00 13.09 ? 25  GLY A C   1 
ATOM   172 O O   . GLY A 1 25 ? -5.738  0.811   3.750   1.00 13.43 ? 25  GLY A O   1 
ATOM   173 N N   . ASP A 1 26 ? -6.063  2.499   5.205   1.00 16.23 ? 26  ASP A N   1 
ATOM   174 C CA  . ASP A 1 26 ? -4.654  2.873   5.349   1.00 19.90 ? 26  ASP A CA  1 
ATOM   175 C C   . ASP A 1 26 ? -4.091  2.889   6.751   1.00 20.59 ? 26  ASP A C   1 
ATOM   176 O O   . ASP A 1 26 ? -2.926  3.256   6.966   1.00 21.73 ? 26  ASP A O   1 
ATOM   177 C CB  . ASP A 1 26 ? -4.397  4.269   4.851   1.00 23.60 ? 26  ASP A CB  1 
ATOM   178 C CG  . ASP A 1 26 ? -4.934  4.581   3.485   1.00 27.19 ? 26  ASP A CG  1 
ATOM   179 O OD1 . ASP A 1 26 ? -4.421  4.033   2.503   1.00 29.02 ? 26  ASP A OD1 1 
ATOM   180 O OD2 . ASP A 1 26 ? -5.871  5.380   3.440   1.00 29.29 ? 26  ASP A OD2 1 
ATOM   181 N N   . SER A 1 27 ? -4.964  2.674   7.728   1.00 20.65 ? 27  SER A N   1 
ATOM   182 C CA  . SER A 1 27 ? -4.612  2.747   9.134   1.00 19.90 ? 27  SER A CA  1 
ATOM   183 C C   . SER A 1 27 ? -4.227  1.367   9.625   1.00 18.41 ? 27  SER A C   1 
ATOM   184 O O   . SER A 1 27 ? -4.397  0.371   8.919   1.00 16.18 ? 27  SER A O   1 
ATOM   185 C CB  . SER A 1 27 ? -5.827  3.301   9.896   1.00 21.99 ? 27  SER A CB  1 
ATOM   186 O OG  . SER A 1 27 ? -7.035  2.611   9.591   1.00 21.84 ? 27  SER A OG  1 
ATOM   187 N N   . GLU A 1 28 ? -3.698  1.279   10.832  1.00 19.96 ? 28  GLU A N   1 
ATOM   188 C CA  . GLU A 1 28 ? -3.319  0.012   11.437  1.00 21.77 ? 28  GLU A CA  1 
ATOM   189 C C   . GLU A 1 28 ? -4.388  -1.087  11.400  1.00 19.51 ? 28  GLU A C   1 
ATOM   190 O O   . GLU A 1 28 ? -3.991  -2.202  11.061  1.00 18.65 ? 28  GLU A O   1 
ATOM   191 C CB  . GLU A 1 28 ? -2.891  0.327   12.872  1.00 26.23 ? 28  GLU A CB  1 
ATOM   192 C CG  . GLU A 1 28 ? -1.991  -0.689  13.573  1.00 32.81 ? 28  GLU A CG  1 
ATOM   193 C CD  . GLU A 1 28 ? -2.611  -2.019  13.974  1.00 36.64 ? 28  GLU A CD  1 
ATOM   194 O OE1 . GLU A 1 28 ? -1.878  -3.018  13.926  1.00 37.84 ? 28  GLU A OE1 1 
ATOM   195 O OE2 . GLU A 1 28 ? -3.804  -2.051  14.334  1.00 39.72 ? 28  GLU A OE2 1 
ATOM   196 N N   . PRO A 1 29 ? -5.702  -0.907  11.691  1.00 18.86 ? 29  PRO A N   1 
ATOM   197 C CA  . PRO A 1 29 ? -6.727  -1.934  11.541  1.00 17.35 ? 29  PRO A CA  1 
ATOM   198 C C   . PRO A 1 29 ? -6.758  -2.561  10.169  1.00 15.81 ? 29  PRO A C   1 
ATOM   199 O O   . PRO A 1 29 ? -7.077  -3.733  9.988   1.00 17.29 ? 29  PRO A O   1 
ATOM   200 C CB  . PRO A 1 29 ? -7.985  -1.209  11.893  1.00 17.37 ? 29  PRO A CB  1 
ATOM   201 C CG  . PRO A 1 29 ? -7.580  -0.235  12.947  1.00 18.76 ? 29  PRO A CG  1 
ATOM   202 C CD  . PRO A 1 29 ? -6.293  0.275   12.332  1.00 18.48 ? 29  PRO A CD  1 
ATOM   203 N N   . TYR A 1 30 ? -6.401  -1.773  9.160   1.00 13.11 ? 30  TYR A N   1 
ATOM   204 C CA  . TYR A 1 30 ? -6.383  -2.250  7.804   1.00 12.27 ? 30  TYR A CA  1 
ATOM   205 C C   . TYR A 1 30 ? -5.069  -2.817  7.354   1.00 10.05 ? 30  TYR A C   1 
ATOM   206 O O   . TYR A 1 30 ? -5.044  -3.775  6.598   1.00 10.37 ? 30  TYR A O   1 
ATOM   207 C CB  . TYR A 1 30 ? -6.742  -1.125  6.829   1.00 12.72 ? 30  TYR A CB  1 
ATOM   208 C CG  . TYR A 1 30 ? -8.168  -0.619  6.971   1.00 12.65 ? 30  TYR A CG  1 
ATOM   209 C CD1 . TYR A 1 30 ? -8.472  0.414   7.866   1.00 12.36 ? 30  TYR A CD1 1 
ATOM   210 C CD2 . TYR A 1 30 ? -9.163  -1.222  6.187   1.00 12.95 ? 30  TYR A CD2 1 
ATOM   211 C CE1 . TYR A 1 30 ? -9.798  0.855   7.968   1.00 13.81 ? 30  TYR A CE1 1 
ATOM   212 C CE2 . TYR A 1 30 ? -10.473 -0.785  6.282   1.00 12.23 ? 30  TYR A CE2 1 
ATOM   213 C CZ  . TYR A 1 30 ? -10.763 0.240   7.166   1.00 12.81 ? 30  TYR A CZ  1 
ATOM   214 O OH  . TYR A 1 30 ? -12.063 0.666   7.269   1.00 16.77 ? 30  TYR A OH  1 
ATOM   215 N N   . CYS A 1 31 ? -4.002  -2.168  7.783   1.00 13.47 ? 31  CYS A N   1 
ATOM   216 C CA  . CYS A 1 31 ? -2.665  -2.449  7.290   1.00 13.32 ? 31  CYS A CA  1 
ATOM   217 C C   . CYS A 1 31 ? -1.723  -3.229  8.192   1.00 14.81 ? 31  CYS A C   1 
ATOM   218 O O   . CYS A 1 31 ? -0.701  -3.725  7.711   1.00 13.86 ? 31  CYS A O   1 
ATOM   219 C CB  . CYS A 1 31 ? -2.009  -1.168  6.983   1.00 12.65 ? 31  CYS A CB  1 
ATOM   220 S SG  . CYS A 1 31 ? -2.752  -0.164  5.690   1.00 13.06 ? 31  CYS A SG  1 
ATOM   221 N N   . GLY A 1 32 ? -2.095  -3.362  9.459   1.00 15.20 ? 32  GLY A N   1 
ATOM   222 C CA  . GLY A 1 32 ? -1.256  -3.979  10.467  1.00 17.71 ? 32  GLY A CA  1 
ATOM   223 C C   . GLY A 1 32 ? -1.553  -5.449  10.701  1.00 17.08 ? 32  GLY A C   1 
ATOM   224 O O   . GLY A 1 32 ? -1.581  -6.291  9.802   1.00 16.69 ? 32  GLY A O   1 
ATOM   225 N N   . ARG A 1 33 ? -1.802  -5.730  11.983  1.00 20.82 ? 33  ARG A N   1 
ATOM   226 C CA  . ARG A 1 33 ? -2.043  -7.074  12.461  1.00 22.86 ? 33  ARG A CA  1 
ATOM   227 C C   . ARG A 1 33 ? -3.270  -7.670  11.790  1.00 22.05 ? 33  ARG A C   1 
ATOM   228 O O   . ARG A 1 33 ? -3.245  -8.815  11.344  1.00 22.70 ? 33  ARG A O   1 
ATOM   229 C CB  . ARG A 1 33 ? -2.225  -7.036  13.981  1.00 27.96 ? 33  ARG A CB  1 
ATOM   230 C CG  . ARG A 1 33 ? -1.936  -8.426  14.565  1.00 35.13 ? 33  ARG A CG  1 
ATOM   231 C CD  . ARG A 1 33 ? -2.313  -8.650  16.051  1.00 40.36 ? 33  ARG A CD  1 
ATOM   232 N NE  . ARG A 1 33 ? -3.749  -8.742  16.335  1.00 44.80 ? 33  ARG A NE  1 
ATOM   233 C CZ  . ARG A 1 33 ? -4.523  -9.789  15.997  1.00 46.48 ? 33  ARG A CZ  1 
ATOM   234 N NH1 . ARG A 1 33 ? -5.816  -9.749  16.303  1.00 47.23 ? 33  ARG A NH1 1 
ATOM   235 N NH2 . ARG A 1 33 ? -4.059  -10.866 15.355  1.00 47.43 ? 33  ARG A NH2 1 
ATOM   236 N N   . THR A 1 34 ? -4.329  -6.880  11.629  1.00 19.99 ? 34  THR A N   1 
ATOM   237 C CA  . THR A 1 34 ? -5.517  -7.383  10.987  1.00 19.33 ? 34  THR A CA  1 
ATOM   238 C C   . THR A 1 34 ? -5.611  -7.175  9.469   1.00 18.69 ? 34  THR A C   1 
ATOM   239 O O   . THR A 1 34 ? -6.697  -7.139  8.873   1.00 18.06 ? 34  THR A O   1 
ATOM   240 C CB  . THR A 1 34 ? -6.636  -6.747  11.769  1.00 19.52 ? 34  THR A CB  1 
ATOM   241 O OG1 . THR A 1 34 ? -6.338  -5.375  11.967  1.00 20.72 ? 34  THR A OG1 1 
ATOM   242 C CG2 . THR A 1 34 ? -6.765  -7.410  13.145  1.00 20.59 ? 34  THR A CG2 1 
ATOM   243 N N   . CYS A 1 35 ? -4.485  -7.149  8.776   1.00 16.55 ? 35  CYS A N   1 
ATOM   244 C CA  . CYS A 1 35 ? -4.444  -6.957  7.354   1.00 13.71 ? 35  CYS A CA  1 
ATOM   245 C C   . CYS A 1 35 ? -4.397  -8.264  6.634   1.00 13.07 ? 35  CYS A C   1 
ATOM   246 O O   . CYS A 1 35 ? -3.728  -9.202  7.053   1.00 14.81 ? 35  CYS A O   1 
ATOM   247 C CB  . CYS A 1 35 ? -3.221  -6.146  7.025   1.00 13.90 ? 35  CYS A CB  1 
ATOM   248 S SG  . CYS A 1 35 ? -3.017  -5.858  5.265   1.00 13.24 ? 35  CYS A SG  1 
ATOM   249 N N   . GLU A 1 36 ? -5.082  -8.338  5.514   1.00 12.15 ? 36  GLU A N   1 
ATOM   250 C CA  . GLU A 1 36 ? -5.120  -9.512  4.685   1.00 13.81 ? 36  GLU A CA  1 
ATOM   251 C C   . GLU A 1 36 ? -4.184  -9.400  3.487   1.00 15.32 ? 36  GLU A C   1 
ATOM   252 O O   . GLU A 1 36 ? -3.548  -10.383 3.059   1.00 15.78 ? 36  GLU A O   1 
ATOM   253 C CB  . GLU A 1 36 ? -6.554  -9.732  4.222   1.00 13.49 ? 36  GLU A CB  1 
ATOM   254 C CG  . GLU A 1 36 ? -6.647  -11.021 3.443   1.00 16.64 ? 36  GLU A CG  1 
ATOM   255 C CD  . GLU A 1 36 ? -8.025  -11.380 2.923   1.00 17.99 ? 36  GLU A CD  1 
ATOM   256 O OE1 . GLU A 1 36 ? -8.120  -11.677 1.736   1.00 20.49 ? 36  GLU A OE1 1 
ATOM   257 O OE2 . GLU A 1 36 ? -8.983  -11.389 3.694   1.00 22.22 ? 36  GLU A OE2 1 
ATOM   258 N N   . ASN A 1 37 ? -4.109  -8.249  2.824   1.00 15.38 ? 37  ASN A N   1 
ATOM   259 C CA  . ASN A 1 37 ? -3.193  -8.130  1.702   1.00 15.30 ? 37  ASN A CA  1 
ATOM   260 C C   . ASN A 1 37 ? -2.870  -6.661  1.480   1.00 12.04 ? 37  ASN A C   1 
ATOM   261 O O   . ASN A 1 37 ? -3.506  -5.777  2.066   1.00 8.98  ? 37  ASN A O   1 
ATOM   262 C CB  . ASN A 1 37 ? -3.776  -8.781  0.426   1.00 20.49 ? 37  ASN A CB  1 
ATOM   263 C CG  . ASN A 1 37 ? -4.901  -8.073  -0.306  1.00 25.48 ? 37  ASN A CG  1 
ATOM   264 O OD1 . ASN A 1 37 ? -4.784  -6.917  -0.711  1.00 25.99 ? 37  ASN A OD1 1 
ATOM   265 N ND2 . ASN A 1 37 ? -6.034  -8.734  -0.554  1.00 28.27 ? 37  ASN A ND2 1 
ATOM   266 N N   . LYS A 1 38 ? -1.745  -6.469  0.735   1.00 12.81 ? 38  LYS A N   1 
ATOM   267 C CA  . LYS A 1 38 ? -1.066  -5.182  0.544   1.00 9.30  ? 38  LYS A CA  1 
ATOM   268 C C   . LYS A 1 38 ? -0.838  -4.531  1.899   1.00 9.22  ? 38  LYS A C   1 
ATOM   269 O O   . LYS A 1 38 ? -1.168  -3.394  2.192   1.00 11.05 ? 38  LYS A O   1 
ATOM   270 C CB  . LYS A 1 38 ? -1.915  -4.241  -0.346  1.00 9.47  ? 38  LYS A CB  1 
ATOM   271 C CG  . LYS A 1 38 ? -2.162  -4.781  -1.726  1.00 10.47 ? 38  LYS A CG  1 
ATOM   272 C CD  . LYS A 1 38 ? -0.918  -5.135  -2.465  1.00 13.07 ? 38  LYS A CD  1 
ATOM   273 C CE  . LYS A 1 38 ? -1.381  -5.553  -3.807  1.00 14.89 ? 38  LYS A CE  1 
ATOM   274 N NZ  . LYS A 1 38 ? -0.276  -6.126  -4.532  1.00 17.07 ? 38  LYS A NZ  1 
ATOM   275 N N   . CYS A 1 39 ? -0.214  -5.306  2.802   1.00 10.82 ? 39  CYS A N   1 
ATOM   276 C CA  . CYS A 1 39 ? -0.046  -4.916  4.195   1.00 10.78 ? 39  CYS A CA  1 
ATOM   277 C C   . CYS A 1 39 ? 1.316   -4.286  4.388   1.00 12.30 ? 39  CYS A C   1 
ATOM   278 O O   . CYS A 1 39 ? 2.231   -4.512  3.586   1.00 12.99 ? 39  CYS A O   1 
ATOM   279 C CB  . CYS A 1 39 ? -0.141  -6.143  5.135   1.00 12.01 ? 39  CYS A CB  1 
ATOM   280 S SG  . CYS A 1 39 ? -1.586  -7.149  4.738   1.00 12.99 ? 39  CYS A SG  1 
ATOM   281 N N   . TRP A 1 40 ? 1.467   -3.586  5.502   1.00 13.34 ? 40  TRP A N   1 
ATOM   282 C CA  . TRP A 1 40 ? 2.710   -2.913  5.823   1.00 15.78 ? 40  TRP A CA  1 
ATOM   283 C C   . TRP A 1 40 ? 3.848   -3.911  5.877   1.00 17.81 ? 40  TRP A C   1 
ATOM   284 O O   . TRP A 1 40 ? 4.934   -3.687  5.340   1.00 18.44 ? 40  TRP A O   1 
ATOM   285 C CB  . TRP A 1 40 ? 2.587   -2.205  7.148   1.00 13.00 ? 40  TRP A CB  1 
ATOM   286 C CG  . TRP A 1 40 ? 1.727   -0.950  7.118   1.00 12.62 ? 40  TRP A CG  1 
ATOM   287 C CD1 . TRP A 1 40 ? 1.523   -0.226  5.967   1.00 13.39 ? 40  TRP A CD1 1 
ATOM   288 C CD2 . TRP A 1 40 ? 1.122   -0.367  8.199   1.00 13.59 ? 40  TRP A CD2 1 
ATOM   289 N NE1 . TRP A 1 40 ? 0.810   0.814   6.329   1.00 13.04 ? 40  TRP A NE1 1 
ATOM   290 C CE2 . TRP A 1 40 ? 0.546   0.781   7.630   1.00 13.69 ? 40  TRP A CE2 1 
ATOM   291 C CE3 . TRP A 1 40 ? 0.968   -0.621  9.558   1.00 14.33 ? 40  TRP A CE3 1 
ATOM   292 C CZ2 . TRP A 1 40 ? -0.174  1.673   8.403   1.00 14.52 ? 40  TRP A CZ2 1 
ATOM   293 C CZ3 . TRP A 1 40 ? 0.244   0.274   10.334  1.00 15.91 ? 40  TRP A CZ3 1 
ATOM   294 C CH2 . TRP A 1 40 ? -0.323  1.413   9.762   1.00 15.18 ? 40  TRP A CH2 1 
ATOM   295 N N   . SER A 1 41 ? 3.610   -5.095  6.404   1.00 17.64 ? 41  SER A N   1 
ATOM   296 C CA  . SER A 1 41 ? 4.660   -6.089  6.506   1.00 18.49 ? 41  SER A CA  1 
ATOM   297 C C   . SER A 1 41 ? 5.115   -6.652  5.163   1.00 17.33 ? 41  SER A C   1 
ATOM   298 O O   . SER A 1 41 ? 6.088   -7.398  5.108   1.00 18.03 ? 41  SER A O   1 
ATOM   299 C CB  . SER A 1 41 ? 4.113   -7.188  7.440   1.00 19.43 ? 41  SER A CB  1 
ATOM   300 O OG  . SER A 1 41 ? 2.963   -7.769  6.839   1.00 20.96 ? 41  SER A OG  1 
ATOM   301 N N   . GLY A 1 42 ? 4.431   -6.346  4.051   1.00 14.13 ? 42  GLY A N   1 
ATOM   302 C CA  . GLY A 1 42 ? 4.713   -6.957  2.766   1.00 11.97 ? 42  GLY A CA  1 
ATOM   303 C C   . GLY A 1 42 ? 5.706   -6.165  1.908   1.00 10.67 ? 42  GLY A C   1 
ATOM   304 O O   . GLY A 1 42 ? 5.932   -6.498  0.749   1.00 12.73 ? 42  GLY A O   1 
ATOM   305 N N   . GLU A 1 43 ? 6.248   -5.080  2.427   1.00 12.56 ? 43  GLU A N   1 
ATOM   306 C CA  . GLU A 1 43 ? 7.208   -4.303  1.648   1.00 13.82 ? 43  GLU A CA  1 
ATOM   307 C C   . GLU A 1 43 ? 8.423   -5.199  1.384   1.00 14.94 ? 43  GLU A C   1 
ATOM   308 O O   . GLU A 1 43 ? 8.895   -5.917  2.286   1.00 17.51 ? 43  GLU A O   1 
ATOM   309 C CB  . GLU A 1 43 ? 7.587   -3.073  2.447   1.00 11.87 ? 43  GLU A CB  1 
ATOM   310 C CG  . GLU A 1 43 ? 8.529   -2.204  1.615   1.00 13.55 ? 43  GLU A CG  1 
ATOM   311 C CD  . GLU A 1 43 ? 9.020   -0.920  2.248   1.00 12.64 ? 43  GLU A CD  1 
ATOM   312 O OE1 . GLU A 1 43 ? 10.134  -0.530  1.932   1.00 15.38 ? 43  GLU A OE1 1 
ATOM   313 O OE2 . GLU A 1 43 ? 8.342   -0.285  3.030   1.00 12.55 ? 43  GLU A OE2 1 
ATOM   314 N N   . ARG A 1 44 ? 8.889   -5.202  0.145   1.00 14.20 ? 44  ARG A N   1 
ATOM   315 C CA  . ARG A 1 44 ? 10.096  -5.895  -0.263  1.00 14.80 ? 44  ARG A CA  1 
ATOM   316 C C   . ARG A 1 44 ? 11.290  -5.438  0.562   1.00 13.12 ? 44  ARG A C   1 
ATOM   317 O O   . ARG A 1 44 ? 11.380  -4.273  0.985   1.00 11.93 ? 44  ARG A O   1 
ATOM   318 C CB  . ARG A 1 44 ? 10.357  -5.607  -1.710  1.00 13.74 ? 44  ARG A CB  1 
ATOM   319 C CG  . ARG A 1 44 ? 9.426   -6.332  -2.639  1.00 15.40 ? 44  ARG A CG  1 
ATOM   320 C CD  . ARG A 1 44 ? 9.598   -5.800  -4.054  1.00 16.96 ? 44  ARG A CD  1 
ATOM   321 N NE  . ARG A 1 44 ? 10.924  -6.036  -4.601  1.00 18.18 ? 44  ARG A NE  1 
ATOM   322 C CZ  . ARG A 1 44 ? 11.205  -7.083  -5.367  1.00 19.88 ? 44  ARG A CZ  1 
ATOM   323 N NH1 . ARG A 1 44 ? 10.310  -7.987  -5.717  1.00 21.03 ? 44  ARG A NH1 1 
ATOM   324 N NH2 . ARG A 1 44 ? 12.438  -7.259  -5.793  1.00 21.54 ? 44  ARG A NH2 1 
ATOM   325 N N   . SER A 1 45 ? 12.242  -6.356  0.823   1.00 15.59 ? 45  SER A N   1 
ATOM   326 C CA  . SER A 1 45 ? 13.451  -6.014  1.596   1.00 14.73 ? 45  SER A CA  1 
ATOM   327 C C   . SER A 1 45 ? 14.307  -4.966  0.858   1.00 12.61 ? 45  SER A C   1 
ATOM   328 O O   . SER A 1 45 ? 14.941  -4.137  1.514   1.00 12.99 ? 45  SER A O   1 
ATOM   329 C CB  . SER A 1 45 ? 14.292  -7.271  1.836   1.00 14.33 ? 45  SER A CB  1 
ATOM   330 O OG  . SER A 1 45 ? 14.601  -7.947  0.621   1.00 17.26 ? 45  SER A OG  1 
ATOM   331 N N   . ASP A 1 46 ? 14.237  -4.997  -0.478  1.00 13.52 ? 46  ASP A N   1 
ATOM   332 C CA  . ASP A 1 46 ? 14.921  -4.012  -1.317  1.00 15.13 ? 46  ASP A CA  1 
ATOM   333 C C   . ASP A 1 46 ? 14.132  -2.727  -1.566  1.00 15.56 ? 46  ASP A C   1 
ATOM   334 O O   . ASP A 1 46 ? 14.551  -1.835  -2.306  1.00 15.58 ? 46  ASP A O   1 
ATOM   335 C CB  . ASP A 1 46 ? 15.285  -4.609  -2.662  1.00 14.69 ? 46  ASP A CB  1 
ATOM   336 C CG  . ASP A 1 46 ? 14.186  -5.075  -3.586  1.00 17.90 ? 46  ASP A CG  1 
ATOM   337 O OD1 . ASP A 1 46 ? 13.012  -4.781  -3.363  1.00 17.87 ? 46  ASP A OD1 1 
ATOM   338 O OD2 . ASP A 1 46 ? 14.526  -5.759  -4.541  1.00 19.87 ? 46  ASP A OD2 1 
ATOM   339 N N   . HIS A 1 47 ? 12.941  -2.657  -0.974  1.00 14.25 ? 47  HIS A N   1 
ATOM   340 C CA  . HIS A 1 47 ? 12.057  -1.517  -1.042  1.00 13.64 ? 47  HIS A CA  1 
ATOM   341 C C   . HIS A 1 47 ? 11.597  -1.115  -2.430  1.00 12.60 ? 47  HIS A C   1 
ATOM   342 O O   . HIS A 1 47 ? 11.090  -0.019  -2.533  1.00 16.44 ? 47  HIS A O   1 
ATOM   343 C CB  . HIS A 1 47 ? 12.722  -0.316  -0.349  1.00 14.58 ? 47  HIS A CB  1 
ATOM   344 C CG  . HIS A 1 47 ? 13.347  -0.678  1.000   1.00 16.73 ? 47  HIS A CG  1 
ATOM   345 N ND1 . HIS A 1 47 ? 12.792  -0.991  2.166   1.00 15.71 ? 47  HIS A ND1 1 
ATOM   346 C CD2 . HIS A 1 47 ? 14.705  -0.707  1.189   1.00 17.40 ? 47  HIS A CD2 1 
ATOM   347 C CE1 . HIS A 1 47 ? 13.741  -1.198  3.050   1.00 18.94 ? 47  HIS A CE1 1 
ATOM   348 N NE2 . HIS A 1 47 ? 14.888  -1.028  2.443   1.00 18.68 ? 47  HIS A NE2 1 
ATOM   349 N N   . ARG A 1 48 ? 11.690  -1.912  -3.496  1.00 13.72 ? 48  ARG A N   1 
ATOM   350 C CA  . ARG A 1 48 ? 11.182  -1.586  -4.811  1.00 15.35 ? 48  ARG A CA  1 
ATOM   351 C C   . ARG A 1 48 ? 9.670   -1.633  -4.736  1.00 15.46 ? 48  ARG A C   1 
ATOM   352 O O   . ARG A 1 48 ? 9.109   -2.347  -3.905  1.00 14.96 ? 48  ARG A O   1 
ATOM   353 C CB  . ARG A 1 48 ? 11.586  -2.580  -5.882  1.00 17.87 ? 48  ARG A CB  1 
ATOM   354 C CG  . ARG A 1 48 ? 12.988  -2.275  -6.392  1.00 24.69 ? 48  ARG A CG  1 
ATOM   355 C CD  . ARG A 1 48 ? 13.352  -2.723  -7.827  1.00 29.52 ? 48  ARG A CD  1 
ATOM   356 N NE  . ARG A 1 48 ? 12.504  -2.233  -8.929  1.00 35.91 ? 48  ARG A NE  1 
ATOM   357 C CZ  . ARG A 1 48 ? 12.177  -0.934  -9.225  1.00 38.99 ? 48  ARG A CZ  1 
ATOM   358 N NH1 . ARG A 1 48 ? 12.601  0.139   -8.536  1.00 38.57 ? 48  ARG A NH1 1 
ATOM   359 N NH2 . ARG A 1 48 ? 11.333  -0.690  -10.239 1.00 39.64 ? 48  ARG A NH2 1 
ATOM   360 N N   . CYS A 1 49 ? 8.977   -0.861  -5.550  1.00 14.83 ? 49  CYS A N   1 
ATOM   361 C CA  . CYS A 1 49 ? 7.511   -0.899  -5.557  1.00 14.88 ? 49  CYS A CA  1 
ATOM   362 C C   . CYS A 1 49 ? 7.105   -0.515  -6.963  1.00 16.44 ? 49  CYS A C   1 
ATOM   363 O O   . CYS A 1 49 ? 7.954   -0.343  -7.856  1.00 15.24 ? 49  CYS A O   1 
ATOM   364 C CB  . CYS A 1 49 ? 6.946   0.063   -4.516  1.00 12.95 ? 49  CYS A CB  1 
ATOM   365 S SG  . CYS A 1 49 ? 7.311   1.814   -4.804  1.00 13.87 ? 49  CYS A SG  1 
ATOM   366 N N   . GLY A 1 50 ? 5.815   -0.490  -7.263  1.00 16.93 ? 50  GLY A N   1 
ATOM   367 C CA  . GLY A 1 50 ? 5.412   -0.148  -8.610  1.00 18.01 ? 50  GLY A CA  1 
ATOM   368 C C   . GLY A 1 50 ? 5.181   -1.382  -9.445  1.00 19.10 ? 50  GLY A C   1 
ATOM   369 O O   . GLY A 1 50 ? 5.367   -2.536  -9.041  1.00 19.41 ? 50  GLY A O   1 
ATOM   370 N N   . ALA A 1 51 ? 4.863   -1.093  -10.691 1.00 21.12 ? 51  ALA A N   1 
ATOM   371 C CA  . ALA A 1 51 ? 4.364   -2.106  -11.583 1.00 24.89 ? 51  ALA A CA  1 
ATOM   372 C C   . ALA A 1 51 ? 5.397   -3.155  -11.942 1.00 26.36 ? 51  ALA A C   1 
ATOM   373 O O   . ALA A 1 51 ? 5.060   -4.340  -11.980 1.00 27.95 ? 51  ALA A O   1 
ATOM   374 C CB  . ALA A 1 51 ? 3.840   -1.451  -12.873 1.00 25.52 ? 51  ALA A CB  1 
ATOM   375 N N   . ALA A 1 52 ? 6.656   -2.757  -12.096 1.00 28.29 ? 52  ALA A N   1 
ATOM   376 C CA  . ALA A 1 52 ? 7.735   -3.677  -12.412 1.00 30.49 ? 52  ALA A CA  1 
ATOM   377 C C   . ALA A 1 52 ? 7.894   -4.788  -11.367 1.00 31.16 ? 52  ALA A C   1 
ATOM   378 O O   . ALA A 1 52 ? 8.379   -5.875  -11.708 1.00 33.79 ? 52  ALA A O   1 
ATOM   379 C CB  . ALA A 1 52 ? 9.063   -2.926  -12.508 1.00 30.12 ? 52  ALA A CB  1 
ATOM   380 N N   . VAL A 1 53 ? 7.521   -4.559  -10.092 1.00 29.54 ? 53  VAL A N   1 
ATOM   381 C CA  . VAL A 1 53 ? 7.645   -5.601  -9.078  1.00 26.87 ? 53  VAL A CA  1 
ATOM   382 C C   . VAL A 1 53 ? 6.293   -6.082  -8.578  1.00 25.43 ? 53  VAL A C   1 
ATOM   383 O O   . VAL A 1 53 ? 6.117   -6.579  -7.471  1.00 25.05 ? 53  VAL A O   1 
ATOM   384 C CB  . VAL A 1 53 ? 8.531   -5.107  -7.890  1.00 25.78 ? 53  VAL A CB  1 
ATOM   385 C CG1 . VAL A 1 53 ? 9.979   -5.112  -8.351  1.00 26.67 ? 53  VAL A CG1 1 
ATOM   386 C CG2 . VAL A 1 53 ? 8.214   -3.710  -7.464  1.00 23.37 ? 53  VAL A CG2 1 
ATOM   387 N N   . GLY A 1 54 ? 5.294   -5.898  -9.433  1.00 24.86 ? 54  GLY A N   1 
ATOM   388 C CA  . GLY A 1 54 ? 3.947   -6.387  -9.185  1.00 23.95 ? 54  GLY A CA  1 
ATOM   389 C C   . GLY A 1 54 ? 3.164   -5.630  -8.135  1.00 22.23 ? 54  GLY A C   1 
ATOM   390 O O   . GLY A 1 54 ? 2.362   -6.215  -7.409  1.00 22.94 ? 54  GLY A O   1 
ATOM   391 N N   . ASN A 1 55 ? 3.407   -4.327  -8.084  1.00 20.23 ? 55  ASN A N   1 
ATOM   392 C CA  . ASN A 1 55 ? 2.745   -3.425  -7.166  1.00 18.23 ? 55  ASN A CA  1 
ATOM   393 C C   . ASN A 1 55 ? 2.671   -3.881  -5.715  1.00 17.65 ? 55  ASN A C   1 
ATOM   394 O O   . ASN A 1 55 ? 1.615   -3.925  -5.078  1.00 15.83 ? 55  ASN A O   1 
ATOM   395 C CB  . ASN A 1 55 ? 1.348   -3.127  -7.682  1.00 20.81 ? 55  ASN A CB  1 
ATOM   396 C CG  . ASN A 1 55 ? 1.390   -2.275  -8.920  1.00 21.42 ? 55  ASN A CG  1 
ATOM   397 O OD1 . ASN A 1 55 ? 0.830   -2.617  -9.941  1.00 26.48 ? 55  ASN A OD1 1 
ATOM   398 N ND2 . ASN A 1 55 ? 2.058   -1.149  -8.985  1.00 21.94 ? 55  ASN A ND2 1 
ATOM   399 N N   . PRO A 1 56 ? 3.823   -4.154  -5.092  1.00 17.70 ? 56  PRO A N   1 
ATOM   400 C CA  . PRO A 1 56 ? 3.887   -4.577  -3.707  1.00 14.56 ? 56  PRO A CA  1 
ATOM   401 C C   . PRO A 1 56 ? 3.555   -3.414  -2.781  1.00 13.34 ? 56  PRO A C   1 
ATOM   402 O O   . PRO A 1 56 ? 3.643   -2.248  -3.187  1.00 13.92 ? 56  PRO A O   1 
ATOM   403 C CB  . PRO A 1 56 ? 5.302   -5.128  -3.612  1.00 14.97 ? 56  PRO A CB  1 
ATOM   404 C CG  . PRO A 1 56 ? 6.076   -4.153  -4.457  1.00 15.78 ? 56  PRO A CG  1 
ATOM   405 C CD  . PRO A 1 56 ? 5.183   -4.045  -5.666  1.00 16.30 ? 56  PRO A CD  1 
ATOM   406 N N   . PRO A 1 57 ? 3.151   -3.604  -1.531  1.00 11.18 ? 57  PRO A N   1 
ATOM   407 C CA  . PRO A 1 57 ? 2.956   -2.533  -0.583  1.00 10.48 ? 57  PRO A CA  1 
ATOM   408 C C   . PRO A 1 57 ? 4.234   -1.841  -0.114  1.00 10.74 ? 57  PRO A C   1 
ATOM   409 O O   . PRO A 1 57 ? 5.326   -2.320  -0.412  1.00 13.40 ? 57  PRO A O   1 
ATOM   410 C CB  . PRO A 1 57 ? 2.207   -3.211  0.508   1.00 10.90 ? 57  PRO A CB  1 
ATOM   411 C CG  . PRO A 1 57 ? 2.781   -4.611  0.484   1.00 11.14 ? 57  PRO A CG  1 
ATOM   412 C CD  . PRO A 1 57 ? 2.881   -4.925  -0.966  1.00 10.09 ? 57  PRO A CD  1 
ATOM   413 N N   . CYS A 1 58 ? 4.097   -0.732  0.591   1.00 10.80 ? 58  CYS A N   1 
ATOM   414 C CA  . CYS A 1 58 ? 5.186   -0.108  1.295   1.00 11.16 ? 58  CYS A CA  1 
ATOM   415 C C   . CYS A 1 58 ? 4.741   -0.213  2.730   1.00 12.65 ? 58  CYS A C   1 
ATOM   416 O O   . CYS A 1 58 ? 3.581   -0.517  3.013   1.00 13.13 ? 58  CYS A O   1 
ATOM   417 C CB  . CYS A 1 58 ? 5.361   1.361   0.894   1.00 9.40  ? 58  CYS A CB  1 
ATOM   418 S SG  . CYS A 1 58 ? 5.905   1.419   -0.816  1.00 11.48 ? 58  CYS A SG  1 
ATOM   419 N N   . GLY A 1 59 ? 5.637   0.012   3.671   1.00 12.53 ? 59  GLY A N   1 
ATOM   420 C CA  . GLY A 1 59 ? 5.398   -0.131  5.083   1.00 11.95 ? 59  GLY A CA  1 
ATOM   421 C C   . GLY A 1 59 ? 4.731   1.090   5.615   1.00 14.02 ? 59  GLY A C   1 
ATOM   422 O O   . GLY A 1 59 ? 4.362   2.010   4.874   1.00 15.21 ? 59  GLY A O   1 
ATOM   423 N N   . GLN A 1 60 ? 4.619   1.095   6.929   1.00 16.18 ? 60  GLN A N   1 
ATOM   424 C CA  . GLN A 1 60 ? 3.964   2.165   7.648   1.00 19.24 ? 60  GLN A CA  1 
ATOM   425 C C   . GLN A 1 60 ? 4.676   3.491   7.435   1.00 21.65 ? 60  GLN A C   1 
ATOM   426 O O   . GLN A 1 60 ? 5.893   3.585   7.615   1.00 22.79 ? 60  GLN A O   1 
ATOM   427 C CB  . GLN A 1 60 ? 3.934   1.870   9.120   1.00 20.45 ? 60  GLN A CB  1 
ATOM   428 C CG  . GLN A 1 60 ? 3.171   2.933   9.861   1.00 22.62 ? 60  GLN A CG  1 
ATOM   429 C CD  . GLN A 1 60 ? 2.829   2.524   11.265  1.00 26.22 ? 60  GLN A CD  1 
ATOM   430 O OE1 . GLN A 1 60 ? 3.270   1.501   11.777  1.00 28.15 ? 60  GLN A OE1 1 
ATOM   431 N NE2 . GLN A 1 60 ? 1.989   3.296   11.926  1.00 26.74 ? 60  GLN A NE2 1 
ATOM   432 N N   . ASP A 1 61 ? 3.864   4.488   7.048   1.00 21.35 ? 61  ASP A N   1 
ATOM   433 C CA  . ASP A 1 61 ? 4.281   5.850   6.749   1.00 21.52 ? 61  ASP A CA  1 
ATOM   434 C C   . ASP A 1 61 ? 5.266   5.914   5.617   1.00 18.12 ? 61  ASP A C   1 
ATOM   435 O O   . ASP A 1 61 ? 6.060   6.835   5.542   1.00 22.46 ? 61  ASP A O   1 
ATOM   436 C CB  . ASP A 1 61 ? 4.905   6.533   7.966   1.00 24.90 ? 61  ASP A CB  1 
ATOM   437 C CG  . ASP A 1 61 ? 3.907   6.732   9.080   1.00 28.59 ? 61  ASP A CG  1 
ATOM   438 O OD1 . ASP A 1 61 ? 4.200   6.380   10.228  1.00 30.89 ? 61  ASP A OD1 1 
ATOM   439 O OD2 . ASP A 1 61 ? 2.822   7.231   8.788   1.00 33.30 ? 61  ASP A OD2 1 
ATOM   440 N N   . ARG A 1 62 ? 5.235   4.966   4.707   1.00 15.63 ? 62  ARG A N   1 
ATOM   441 C CA  . ARG A 1 62 ? 6.101   5.003   3.571   1.00 15.69 ? 62  ARG A CA  1 
ATOM   442 C C   . ARG A 1 62 ? 5.166   4.964   2.385   1.00 15.81 ? 62  ARG A C   1 
ATOM   443 O O   . ARG A 1 62 ? 4.045   4.455   2.499   1.00 15.17 ? 62  ARG A O   1 
ATOM   444 C CB  . ARG A 1 62 ? 7.067   3.806   3.617   1.00 14.80 ? 62  ARG A CB  1 
ATOM   445 C CG  . ARG A 1 62 ? 7.995   4.022   4.821   1.00 14.80 ? 62  ARG A CG  1 
ATOM   446 C CD  . ARG A 1 62 ? 8.693   2.751   5.273   1.00 14.30 ? 62  ARG A CD  1 
ATOM   447 N NE  . ARG A 1 62 ? 9.472   2.187   4.190   1.00 15.28 ? 62  ARG A NE  1 
ATOM   448 C CZ  . ARG A 1 62 ? 10.686  2.626   3.816   1.00 14.13 ? 62  ARG A CZ  1 
ATOM   449 N NH1 . ARG A 1 62 ? 11.267  3.646   4.453   1.00 15.42 ? 62  ARG A NH1 1 
ATOM   450 N NH2 . ARG A 1 62 ? 11.254  2.032   2.764   1.00 13.32 ? 62  ARG A NH2 1 
ATOM   451 N N   . CYS A 1 63 ? 5.654   5.455   1.243   1.00 15.69 ? 63  CYS A N   1 
ATOM   452 C CA  . CYS A 1 63 ? 4.851   5.671   0.064   1.00 13.81 ? 63  CYS A CA  1 
ATOM   453 C C   . CYS A 1 63 ? 5.655   5.211   -1.100  1.00 13.62 ? 63  CYS A C   1 
ATOM   454 O O   . CYS A 1 63 ? 6.895   5.169   -1.017  1.00 14.70 ? 63  CYS A O   1 
ATOM   455 C CB  . CYS A 1 63 ? 4.548   7.142   -0.114  1.00 14.14 ? 63  CYS A CB  1 
ATOM   456 S SG  . CYS A 1 63 ? 3.921   7.991   1.339   1.00 16.71 ? 63  CYS A SG  1 
ATOM   457 N N   . CYS A 1 64 ? 5.010   4.790   -2.169  1.00 10.16 ? 64  CYS A N   1 
ATOM   458 C CA  . CYS A 1 64 ? 5.688   4.320   -3.336  1.00 11.61 ? 64  CYS A CA  1 
ATOM   459 C C   . CYS A 1 64 ? 5.892   5.476   -4.290  1.00 14.00 ? 64  CYS A C   1 
ATOM   460 O O   . CYS A 1 64 ? 4.912   6.057   -4.781  1.00 13.26 ? 64  CYS A O   1 
ATOM   461 C CB  . CYS A 1 64 ? 4.870   3.239   -3.978  1.00 10.04 ? 64  CYS A CB  1 
ATOM   462 S SG  . CYS A 1 64 ? 5.585   2.614   -5.487  1.00 12.20 ? 64  CYS A SG  1 
ATOM   463 N N   . SER A 1 65 ? 7.140   5.841   -4.561  1.00 12.84 ? 65  SER A N   1 
ATOM   464 C CA  . SER A 1 65 ? 7.376   7.010   -5.382  1.00 12.80 ? 65  SER A CA  1 
ATOM   465 C C   . SER A 1 65 ? 7.187   6.668   -6.843  1.00 12.06 ? 65  SER A C   1 
ATOM   466 O O   . SER A 1 65 ? 7.225   5.515   -7.276  1.00 12.41 ? 65  SER A O   1 
ATOM   467 C CB  . SER A 1 65 ? 8.809   7.524   -5.114  1.00 13.04 ? 65  SER A CB  1 
ATOM   468 O OG  . SER A 1 65 ? 9.729   6.799   -5.905  1.00 14.20 ? 65  SER A OG  1 
ATOM   469 N N   . VAL A 1 66 ? 7.097   7.711   -7.678  1.00 13.92 ? 66  VAL A N   1 
ATOM   470 C CA  . VAL A 1 66 ? 6.957   7.523   -9.100  1.00 15.40 ? 66  VAL A CA  1 
ATOM   471 C C   . VAL A 1 66 ? 8.157   6.826   -9.732  1.00 17.19 ? 66  VAL A C   1 
ATOM   472 O O   . VAL A 1 66 ? 8.057   6.296   -10.841 1.00 17.65 ? 66  VAL A O   1 
ATOM   473 C CB  . VAL A 1 66 ? 6.701   8.894   -9.807  1.00 16.54 ? 66  VAL A CB  1 
ATOM   474 C CG1 . VAL A 1 66 ? 5.320   9.385   -9.383  1.00 15.07 ? 66  VAL A CG1 1 
ATOM   475 C CG2 . VAL A 1 66 ? 7.744   9.932   -9.456  1.00 16.04 ? 66  VAL A CG2 1 
ATOM   476 N N   . HIS A 1 67 ? 9.313   6.786   -9.016  1.00 18.38 ? 67  HIS A N   1 
ATOM   477 C CA  . HIS A 1 67 ? 10.487  6.112   -9.539  1.00 19.00 ? 67  HIS A CA  1 
ATOM   478 C C   . HIS A 1 67 ? 10.500  4.646   -9.151  1.00 18.72 ? 67  HIS A C   1 
ATOM   479 O O   . HIS A 1 67 ? 11.322  3.881   -9.654  1.00 19.43 ? 67  HIS A O   1 
ATOM   480 C CB  . HIS A 1 67 ? 11.771  6.800   -9.044  1.00 20.10 ? 67  HIS A CB  1 
ATOM   481 C CG  . HIS A 1 67 ? 11.796  8.251   -9.520  1.00 21.71 ? 67  HIS A CG  1 
ATOM   482 N ND1 . HIS A 1 67 ? 11.901  8.747   -10.760 1.00 23.29 ? 67  HIS A ND1 1 
ATOM   483 C CD2 . HIS A 1 67 ? 11.667  9.320   -8.667  1.00 22.59 ? 67  HIS A CD2 1 
ATOM   484 C CE1 . HIS A 1 67 ? 11.831  10.059  -10.689 1.00 23.07 ? 67  HIS A CE1 1 
ATOM   485 N NE2 . HIS A 1 67 ? 11.692  10.385  -9.425  1.00 24.00 ? 67  HIS A NE2 1 
ATOM   486 N N   . GLY A 1 68 ? 9.574   4.185   -8.317  1.00 17.95 ? 68  GLY A N   1 
ATOM   487 C CA  . GLY A 1 68 ? 9.496   2.768   -8.025  1.00 15.35 ? 68  GLY A CA  1 
ATOM   488 C C   . GLY A 1 68 ? 10.214  2.339   -6.756  1.00 12.65 ? 68  GLY A C   1 
ATOM   489 O O   . GLY A 1 68 ? 10.659  1.198   -6.705  1.00 15.35 ? 68  GLY A O   1 
ATOM   490 N N   . TRP A 1 69 ? 10.263  3.171   -5.737  1.00 13.11 ? 69  TRP A N   1 
ATOM   491 C CA  . TRP A 1 69 ? 10.892  2.849   -4.472  1.00 13.88 ? 69  TRP A CA  1 
ATOM   492 C C   . TRP A 1 69 ? 9.996   3.310   -3.363  1.00 12.66 ? 69  TRP A C   1 
ATOM   493 O O   . TRP A 1 69 ? 9.388   4.381   -3.464  1.00 12.28 ? 69  TRP A O   1 
ATOM   494 C CB  . TRP A 1 69 ? 12.249  3.570   -4.281  1.00 15.27 ? 69  TRP A CB  1 
ATOM   495 C CG  . TRP A 1 69 ? 13.215  3.230   -5.406  1.00 17.99 ? 69  TRP A CG  1 
ATOM   496 C CD1 . TRP A 1 69 ? 13.264  3.933   -6.588  1.00 16.85 ? 69  TRP A CD1 1 
ATOM   497 C CD2 . TRP A 1 69 ? 14.034  2.145   -5.405  1.00 18.41 ? 69  TRP A CD2 1 
ATOM   498 N NE1 . TRP A 1 69 ? 14.098  3.280   -7.358  1.00 18.33 ? 69  TRP A NE1 1 
ATOM   499 C CE2 . TRP A 1 69 ? 14.587  2.208   -6.701  1.00 20.04 ? 69  TRP A CE2 1 
ATOM   500 C CE3 . TRP A 1 69 ? 14.363  1.141   -4.505  1.00 17.39 ? 69  TRP A CE3 1 
ATOM   501 C CZ2 . TRP A 1 69 ? 15.499  1.238   -7.131  1.00 18.98 ? 69  TRP A CZ2 1 
ATOM   502 C CZ3 . TRP A 1 69 ? 15.264  0.183   -4.943  1.00 18.67 ? 69  TRP A CZ3 1 
ATOM   503 C CH2 . TRP A 1 69 ? 15.824  0.221   -6.231  1.00 19.23 ? 69  TRP A CH2 1 
ATOM   504 N N   . CYS A 1 70 ? 9.879   2.521   -2.302  1.00 10.39 ? 70  CYS A N   1 
ATOM   505 C CA  . CYS A 1 70 ? 9.201   2.925   -1.105  1.00 11.52 ? 70  CYS A CA  1 
ATOM   506 C C   . CYS A 1 70 ? 10.122  3.807   -0.298  1.00 13.71 ? 70  CYS A C   1 
ATOM   507 O O   . CYS A 1 70 ? 11.358  3.605   -0.279  1.00 16.78 ? 70  CYS A O   1 
ATOM   508 C CB  . CYS A 1 70 ? 8.843   1.736   -0.218  1.00 11.26 ? 70  CYS A CB  1 
ATOM   509 S SG  . CYS A 1 70 ? 7.739   0.543   -0.971  1.00 12.08 ? 70  CYS A SG  1 
ATOM   510 N N   . GLY A 1 71 ? 9.573   4.761   0.427   1.00 12.85 ? 71  GLY A N   1 
ATOM   511 C CA  . GLY A 1 71 ? 10.322  5.609   1.316   1.00 14.49 ? 71  GLY A CA  1 
ATOM   512 C C   . GLY A 1 71 ? 9.373   6.550   1.995   1.00 15.57 ? 71  GLY A C   1 
ATOM   513 O O   . GLY A 1 71 ? 8.184   6.521   1.722   1.00 16.45 ? 71  GLY A O   1 
ATOM   514 N N   . GLY A 1 72 ? 9.880   7.404   2.850   1.00 17.36 ? 72  GLY A N   1 
ATOM   515 C CA  . GLY A 1 72 ? 9.092   8.313   3.640   1.00 20.22 ? 72  GLY A CA  1 
ATOM   516 C C   . GLY A 1 72 ? 9.487   9.728   3.257   1.00 23.34 ? 72  GLY A C   1 
ATOM   517 O O   . GLY A 1 72 ? 10.515  9.972   2.619   1.00 23.49 ? 72  GLY A O   1 
ATOM   518 N N   . GLY A 1 73 ? 8.639   10.670  3.649   1.00 25.50 ? 73  GLY A N   1 
ATOM   519 C CA  . GLY A 1 73 ? 8.855   12.086  3.406   1.00 27.58 ? 73  GLY A CA  1 
ATOM   520 C C   . GLY A 1 73 ? 8.462   12.533  2.010   1.00 27.63 ? 73  GLY A C   1 
ATOM   521 O O   . GLY A 1 73 ? 8.076   11.757  1.128   1.00 28.34 ? 73  GLY A O   1 
ATOM   522 N N   . ASN A 1 74 ? 8.641   13.819  1.790   1.00 29.64 ? 74  ASN A N   1 
ATOM   523 C CA  . ASN A 1 74 ? 8.250   14.502  0.561   1.00 31.57 ? 74  ASN A CA  1 
ATOM   524 C C   . ASN A 1 74 ? 8.664   13.878  -0.753  1.00 29.60 ? 74  ASN A C   1 
ATOM   525 O O   . ASN A 1 74 ? 7.874   13.851  -1.699  1.00 29.00 ? 74  ASN A O   1 
ATOM   526 C CB  . ASN A 1 74 ? 8.782   15.951  0.515   1.00 36.24 ? 74  ASN A CB  1 
ATOM   527 C CG  . ASN A 1 74 ? 8.169   16.902  1.535   1.00 39.70 ? 74  ASN A CG  1 
ATOM   528 O OD1 . ASN A 1 74 ? 7.188   16.647  2.241   1.00 40.38 ? 74  ASN A OD1 1 
ATOM   529 N ND2 . ASN A 1 74 ? 8.798   18.060  1.663   1.00 42.64 ? 74  ASN A ND2 1 
ATOM   530 N N   . ASP A 1 75 ? 9.880   13.322  -0.831  1.00 26.68 ? 75  ASP A N   1 
ATOM   531 C CA  . ASP A 1 75 ? 10.381  12.779  -2.081  1.00 24.57 ? 75  ASP A CA  1 
ATOM   532 C C   . ASP A 1 75 ? 9.663   11.529  -2.522  1.00 21.05 ? 75  ASP A C   1 
ATOM   533 O O   . ASP A 1 75 ? 9.851   11.066  -3.644  1.00 20.39 ? 75  ASP A O   1 
ATOM   534 C CB  . ASP A 1 75 ? 11.867  12.442  -1.981  1.00 25.98 ? 75  ASP A CB  1 
ATOM   535 C CG  . ASP A 1 75 ? 12.838  13.627  -1.902  1.00 28.20 ? 75  ASP A CG  1 
ATOM   536 O OD1 . ASP A 1 75 ? 14.037  13.366  -1.961  1.00 29.08 ? 75  ASP A OD1 1 
ATOM   537 O OD2 . ASP A 1 75 ? 12.440  14.787  -1.766  1.00 28.49 ? 75  ASP A OD2 1 
ATOM   538 N N   . TYR A 1 76 ? 8.927   10.951  -1.578  1.00 20.47 ? 76  TYR A N   1 
ATOM   539 C CA  . TYR A 1 76 ? 8.191   9.728   -1.823  1.00 19.77 ? 76  TYR A CA  1 
ATOM   540 C C   . TYR A 1 76 ? 6.699   9.907   -1.748  1.00 17.21 ? 76  TYR A C   1 
ATOM   541 O O   . TYR A 1 76 ? 6.015   9.304   -2.550  1.00 17.04 ? 76  TYR A O   1 
ATOM   542 C CB  . TYR A 1 76 ? 8.578   8.658   -0.812  1.00 19.06 ? 76  TYR A CB  1 
ATOM   543 C CG  . TYR A 1 76 ? 10.010  8.214   -1.023  1.00 19.36 ? 76  TYR A CG  1 
ATOM   544 C CD1 . TYR A 1 76 ? 11.056  8.889   -0.389  1.00 19.69 ? 76  TYR A CD1 1 
ATOM   545 C CD2 . TYR A 1 76 ? 10.262  7.164   -1.898  1.00 20.49 ? 76  TYR A CD2 1 
ATOM   546 C CE1 . TYR A 1 76 ? 12.373  8.503   -0.626  1.00 21.75 ? 76  TYR A CE1 1 
ATOM   547 C CE2 . TYR A 1 76 ? 11.579  6.770   -2.143  1.00 23.13 ? 76  TYR A CE2 1 
ATOM   548 C CZ  . TYR A 1 76 ? 12.634  7.447   -1.508  1.00 23.73 ? 76  TYR A CZ  1 
ATOM   549 O OH  . TYR A 1 76 ? 13.944  7.040   -1.763  1.00 27.01 ? 76  TYR A OH  1 
ATOM   550 N N   . CYS A 1 77 ? 6.247   10.763  -0.851  1.00 18.32 ? 77  CYS A N   1 
ATOM   551 C CA  . CYS A 1 77 ? 4.858   10.880  -0.464  1.00 21.19 ? 77  CYS A CA  1 
ATOM   552 C C   . CYS A 1 77 ? 4.001   12.029  -0.960  1.00 24.39 ? 77  CYS A C   1 
ATOM   553 O O   . CYS A 1 77 ? 2.770   11.955  -0.961  1.00 23.18 ? 77  CYS A O   1 
ATOM   554 C CB  . CYS A 1 77 ? 4.800   10.870  1.062   1.00 19.68 ? 77  CYS A CB  1 
ATOM   555 S SG  . CYS A 1 77 ? 5.350   9.328   1.855   1.00 20.98 ? 77  CYS A SG  1 
ATOM   556 N N   . SER A 1 78 ? 4.652   13.114  -1.349  1.00 27.84 ? 78  SER A N   1 
ATOM   557 C CA  . SER A 1 78 ? 3.938   14.310  -1.732  1.00 31.00 ? 78  SER A CA  1 
ATOM   558 C C   . SER A 1 78 ? 3.689   14.368  -3.212  1.00 31.94 ? 78  SER A C   1 
ATOM   559 O O   . SER A 1 78 ? 4.266   13.624  -4.014  1.00 33.88 ? 78  SER A O   1 
ATOM   560 C CB  . SER A 1 78 ? 4.735   15.513  -1.296  1.00 33.66 ? 78  SER A CB  1 
ATOM   561 O OG  . SER A 1 78 ? 4.981   15.363  0.097   1.00 38.36 ? 78  SER A OG  1 
ATOM   562 N N   . GLY A 1 79 ? 2.701   15.209  -3.511  1.00 32.86 ? 79  GLY A N   1 
ATOM   563 C CA  . GLY A 1 79 ? 2.214   15.506  -4.848  1.00 30.33 ? 79  GLY A CA  1 
ATOM   564 C C   . GLY A 1 79 ? 3.246   15.516  -5.943  1.00 28.45 ? 79  GLY A C   1 
ATOM   565 O O   . GLY A 1 79 ? 4.240   16.247  -5.899  1.00 31.81 ? 79  GLY A O   1 
ATOM   566 N N   . GLY A 1 80 ? 3.026   14.656  -6.916  1.00 26.59 ? 80  GLY A N   1 
ATOM   567 C CA  . GLY A 1 80 ? 3.891   14.577  -8.048  1.00 23.42 ? 80  GLY A CA  1 
ATOM   568 C C   . GLY A 1 80 ? 4.926   13.518  -7.797  1.00 21.28 ? 80  GLY A C   1 
ATOM   569 O O   . GLY A 1 80 ? 5.352   12.859  -8.742  1.00 23.98 ? 80  GLY A O   1 
ATOM   570 N N   . LYS A 1 81 ? 5.344   13.311  -6.565  1.00 20.11 ? 81  LYS A N   1 
ATOM   571 C CA  . LYS A 1 81 ? 6.381   12.340  -6.294  1.00 19.94 ? 81  LYS A CA  1 
ATOM   572 C C   . LYS A 1 81 ? 5.871   10.961  -5.933  1.00 19.51 ? 81  LYS A C   1 
ATOM   573 O O   . LYS A 1 81 ? 6.616   9.985   -6.075  1.00 18.49 ? 81  LYS A O   1 
ATOM   574 C CB  . LYS A 1 81 ? 7.243   12.875  -5.184  1.00 22.42 ? 81  LYS A CB  1 
ATOM   575 C CG  . LYS A 1 81 ? 8.029   14.126  -5.574  1.00 24.46 ? 81  LYS A CG  1 
ATOM   576 C CD  . LYS A 1 81 ? 9.243   13.781  -6.433  1.00 28.44 ? 81  LYS A CD  1 
ATOM   577 C CE  . LYS A 1 81 ? 9.060   13.476  -7.918  1.00 30.81 ? 81  LYS A CE  1 
ATOM   578 N NZ  . LYS A 1 81 ? 10.374  13.316  -8.524  1.00 34.00 ? 81  LYS A NZ  1 
ATOM   579 N N   . CYS A 1 82 ? 4.588   10.851  -5.594  1.00 17.45 ? 82  CYS A N   1 
ATOM   580 C CA  . CYS A 1 82 ? 4.005   9.609   -5.088  1.00 14.44 ? 82  CYS A CA  1 
ATOM   581 C C   . CYS A 1 82 ? 3.066   8.972   -6.066  1.00 14.59 ? 82  CYS A C   1 
ATOM   582 O O   . CYS A 1 82 ? 2.211   9.679   -6.634  1.00 14.64 ? 82  CYS A O   1 
ATOM   583 C CB  . CYS A 1 82 ? 3.283   9.947   -3.814  1.00 13.74 ? 82  CYS A CB  1 
ATOM   584 S SG  . CYS A 1 82 ? 2.728   8.388   -3.112  1.00 15.63 ? 82  CYS A SG  1 
ATOM   585 N N   . GLN A 1 83 ? 3.223   7.680   -6.392  1.00 11.88 ? 83  GLN A N   1 
ATOM   586 C CA  . GLN A 1 83 ? 2.290   7.021   -7.282  1.00 11.21 ? 83  GLN A CA  1 
ATOM   587 C C   . GLN A 1 83 ? 1.284   6.175   -6.513  1.00 12.97 ? 83  GLN A C   1 
ATOM   588 O O   . GLN A 1 83 ? 0.209   5.944   -7.066  1.00 11.23 ? 83  GLN A O   1 
ATOM   589 C CB  . GLN A 1 83 ? 2.984   6.161   -8.279  1.00 10.83 ? 83  GLN A CB  1 
ATOM   590 C CG  . GLN A 1 83 ? 3.702   4.966   -7.709  1.00 12.41 ? 83  GLN A CG  1 
ATOM   591 C CD  . GLN A 1 83 ? 4.287   4.162   -8.817  1.00 14.30 ? 83  GLN A CD  1 
ATOM   592 O OE1 . GLN A 1 83 ? 5.514   3.959   -8.915  1.00 18.95 ? 83  GLN A OE1 1 
ATOM   593 N NE2 . GLN A 1 83 ? 3.482   3.669   -9.728  1.00 14.50 ? 83  GLN A NE2 1 
ATOM   594 N N   . TYR A 1 84 ? 1.545   5.667   -5.297  1.00 11.84 ? 84  TYR A N   1 
ATOM   595 C CA  . TYR A 1 84 ? 0.484   5.028   -4.516  1.00 11.88 ? 84  TYR A CA  1 
ATOM   596 C C   . TYR A 1 84 ? 0.859   4.948   -3.063  1.00 14.83 ? 84  TYR A C   1 
ATOM   597 O O   . TYR A 1 84 ? 2.061   5.038   -2.745  1.00 13.12 ? 84  TYR A O   1 
ATOM   598 C CB  . TYR A 1 84 ? 0.141   3.630   -5.010  1.00 11.04 ? 84  TYR A CB  1 
ATOM   599 C CG  . TYR A 1 84 ? 1.144   2.506   -5.027  1.00 10.04 ? 84  TYR A CG  1 
ATOM   600 C CD1 . TYR A 1 84 ? 1.588   1.851   -3.869  1.00 10.81 ? 84  TYR A CD1 1 
ATOM   601 C CD2 . TYR A 1 84 ? 1.546   2.066   -6.271  1.00 10.50 ? 84  TYR A CD2 1 
ATOM   602 C CE1 . TYR A 1 84 ? 2.421   0.729   -3.983  1.00 11.23 ? 84  TYR A CE1 1 
ATOM   603 C CE2 . TYR A 1 84 ? 2.369   0.958   -6.402  1.00 11.93 ? 84  TYR A CE2 1 
ATOM   604 C CZ  . TYR A 1 84 ? 2.795   0.289   -5.249  1.00 10.85 ? 84  TYR A CZ  1 
ATOM   605 O OH  . TYR A 1 84 ? 3.601   -0.810  -5.459  1.00 12.95 ? 84  TYR A OH  1 
ATOM   606 N N   . ARG A 1 85 ? -0.168  4.807   -2.202  1.00 14.27 ? 85  ARG A N   1 
ATOM   607 C CA  . ARG A 1 85 ? -0.109  4.752   -0.744  1.00 16.41 ? 85  ARG A CA  1 
ATOM   608 C C   . ARG A 1 85 ? 0.539   6.057   -0.329  1.00 20.19 ? 85  ARG A C   1 
ATOM   609 O O   . ARG A 1 85 ? 1.609   6.090   0.307   1.00 20.53 ? 85  ARG A O   1 
ATOM   610 C CB  . ARG A 1 85 ? 0.713   3.487   -0.286  1.00 14.76 ? 85  ARG A CB  1 
ATOM   611 C CG  . ARG A 1 85 ? -0.022  2.193   -0.637  1.00 13.96 ? 85  ARG A CG  1 
ATOM   612 C CD  . ARG A 1 85 ? 0.841   0.958   -0.537  1.00 12.46 ? 85  ARG A CD  1 
ATOM   613 N NE  . ARG A 1 85 ? 1.054   0.509   0.833   1.00 12.72 ? 85  ARG A NE  1 
ATOM   614 C CZ  . ARG A 1 85 ? 0.294   -0.418  1.432   1.00 13.16 ? 85  ARG A CZ  1 
ATOM   615 N NH1 . ARG A 1 85 ? -0.752  -1.001  0.819   1.00 12.60 ? 85  ARG A NH1 1 
ATOM   616 N NH2 . ARG A 1 85 ? 0.659   -0.856  2.645   1.00 10.52 ? 85  ARG A NH2 1 
ATOM   617 N N   . CYS A 1 86 ? -0.113  7.189   -0.645  1.00 22.49 ? 86  CYS A N   1 
ATOM   618 C CA  . CYS A 1 86 ? 0.595   8.443   -0.495  1.00 26.18 ? 86  CYS A CA  1 
ATOM   619 C C   . CYS A 1 86 ? 0.622   9.278   0.759   1.00 33.16 ? 86  CYS A C   1 
ATOM   620 O O   . CYS A 1 86 ? 1.122   10.384  0.606   1.00 36.55 ? 86  CYS A O   1 
ATOM   621 C CB  . CYS A 1 86 ? 0.202   9.338   -1.681  1.00 18.37 ? 86  CYS A CB  1 
ATOM   622 S SG  . CYS A 1 86 ? 0.700   8.610   -3.234  1.00 14.62 ? 86  CYS A SG  1 
ATOM   623 N N   . SER A 1 87 ? 0.168   8.915   1.972   1.00 42.90 ? 87  SER A N   1 
ATOM   624 C CA  . SER A 1 87 ? 0.494   9.650   3.228   1.00 51.64 ? 87  SER A CA  1 
ATOM   625 C C   . SER A 1 87 ? 0.932   11.141  3.164   1.00 56.59 ? 87  SER A C   1 
ATOM   626 O O   . SER A 1 87 ? 1.967   11.609  3.653   1.00 57.22 ? 87  SER A O   1 
ATOM   627 C CB  . SER A 1 87 ? 1.588   8.813   3.971   1.00 52.22 ? 87  SER A CB  1 
ATOM   628 O OG  . SER A 1 87 ? 1.228   7.448   4.251   1.00 53.18 ? 87  SER A OG  1 
ATOM   629 N N   . SER A 1 88 ? 0.049   11.840  2.461   1.00 62.39 ? 88  SER A N   1 
ATOM   630 C CA  . SER A 1 88 ? 0.072   13.221  1.993   1.00 67.63 ? 88  SER A CA  1 
ATOM   631 C C   . SER A 1 88 ? -0.825  12.925  0.766   1.00 70.35 ? 88  SER A C   1 
ATOM   632 O O   . SER A 1 88 ? -2.017  12.640  1.003   1.00 71.87 ? 88  SER A O   1 
ATOM   633 C CB  . SER A 1 88 ? 1.466   13.749  1.488   1.00 68.30 ? 88  SER A CB  1 
ATOM   634 O OG  . SER A 1 88 ? 2.504   14.035  2.421   1.00 68.58 ? 88  SER A OG  1 
ATOM   635 N N   . SER A 1 89 ? -0.254  12.755  -0.449  1.00 72.32 ? 89  SER A N   1 
ATOM   636 C CA  . SER A 1 89 ? -0.881  12.548  -1.753  1.00 73.94 ? 89  SER A CA  1 
ATOM   637 C C   . SER A 1 89 ? -0.041  13.316  -2.761  1.00 73.55 ? 89  SER A C   1 
ATOM   638 O O   . SER A 1 89 ? 0.241   14.493  -2.520  1.00 74.15 ? 89  SER A O   1 
ATOM   639 C CB  . SER A 1 89 ? -2.329  13.068  -1.872  1.00 74.90 ? 89  SER A CB  1 
ATOM   640 O OG  . SER A 1 89 ? -3.281  12.017  -1.673  1.00 76.16 ? 89  SER A OG  1 
ATOM   641 O OXT . SER A 1 89 ? 0.375   12.717  -3.749  1.00 72.53 ? 89  SER A OXT 1 
HETATM 642 O O   . HOH B 2 .  ? -5.626  -4.563  -1.652  1.00 14.47 ? 101 HOH A O   1 
HETATM 643 O O   . HOH B 2 .  ? 7.835   -3.189  -1.656  1.00 12.61 ? 102 HOH A O   1 
HETATM 644 O O   . HOH B 2 .  ? -2.704  5.205   -3.362  1.00 14.25 ? 103 HOH A O   1 
HETATM 645 O O   . HOH B 2 .  ? 2.368   2.208   2.799   1.00 14.86 ? 104 HOH A O   1 
HETATM 646 O O   . HOH B 2 .  ? 1.480   -5.407  8.590   1.00 16.83 ? 105 HOH A O   1 
HETATM 647 O O   . HOH B 2 .  ? -9.037  1.652   -1.739  1.00 17.64 ? 106 HOH A O   1 
HETATM 648 O O   . HOH B 2 .  ? 17.062  -0.658  -2.119  1.00 16.90 ? 107 HOH A O   1 
HETATM 649 O O   . HOH B 2 .  ? 12.255  7.636   -5.222  1.00 21.24 ? 108 HOH A O   1 
HETATM 650 O O   . HOH B 2 .  ? 1.003   -7.857  2.086   1.00 23.50 ? 109 HOH A O   1 
HETATM 651 O O   . HOH B 2 .  ? -11.371 -10.295 3.134   1.00 21.63 ? 110 HOH A O   1 
HETATM 652 O O   . HOH B 2 .  ? -2.480  1.986   2.328   1.00 25.26 ? 111 HOH A O   1 
HETATM 653 O O   . HOH B 2 .  ? 4.118   1.602   -11.395 1.00 24.67 ? 112 HOH A O   1 
HETATM 654 O O   . HOH B 2 .  ? -11.689 -3.224  -4.116  1.00 28.08 ? 113 HOH A O   1 
HETATM 655 O O   . HOH B 2 .  ? -8.271  3.854   6.349   1.00 28.38 ? 114 HOH A O   1 
HETATM 656 O O   . HOH B 2 .  ? 13.245  -7.837  -1.866  1.00 27.79 ? 115 HOH A O   1 
HETATM 657 O O   . HOH B 2 .  ? -0.508  2.851   4.649   1.00 29.16 ? 116 HOH A O   1 
HETATM 658 O O   . HOH B 2 .  ? -11.009 3.409   4.829   1.00 30.22 ? 117 HOH A O   1 
HETATM 659 O O   . HOH B 2 .  ? 8.407   -0.550  -10.618 1.00 32.50 ? 118 HOH A O   1 
HETATM 660 O O   . HOH B 2 .  ? 15.384  -4.310  4.186   1.00 29.81 ? 119 HOH A O   1 
HETATM 661 O O   . HOH B 2 .  ? 2.865   -9.265  4.679   1.00 36.33 ? 120 HOH A O   1 
HETATM 662 O O   . HOH B 2 .  ? 7.026   2.057   -11.039 1.00 40.61 ? 121 HOH A O   1 
HETATM 663 O O   . HOH B 2 .  ? 0.480   3.589   -9.872  1.00 34.80 ? 122 HOH A O   1 
HETATM 664 O O   . HOH B 2 .  ? 5.814   -1.010  8.580   1.00 35.11 ? 123 HOH A O   1 
HETATM 665 O O   . HOH B 2 .  ? 2.158   12.437  -5.578  1.00 40.82 ? 124 HOH A O   1 
HETATM 666 O O   . HOH B 2 .  ? 0.567   -7.909  8.845   1.00 36.46 ? 125 HOH A O   1 
HETATM 667 O O   . HOH B 2 .  ? 0.973   4.576   6.501   1.00 40.62 ? 126 HOH A O   1 
HETATM 668 O O   . HOH B 2 .  ? 17.386  1.391   -0.367  1.00 40.78 ? 127 HOH A O   1 
HETATM 669 O O   . HOH B 2 .  ? -13.125 0.751   2.321   1.00 46.28 ? 128 HOH A O   1 
HETATM 670 O O   . HOH B 2 .  ? -11.856 4.503   -2.232  1.00 43.92 ? 129 HOH A O   1 
HETATM 671 O O   . HOH B 2 .  ? -8.544  -6.679  -8.189  1.00 43.16 ? 130 HOH A O   1 
HETATM 672 O O   . HOH B 2 .  ? 14.019  2.615   -0.890  1.00 44.03 ? 131 HOH A O   1 
HETATM 673 O O   . HOH B 2 .  ? -14.026 1.354   5.284   1.00 49.74 ? 132 HOH A O   1 
HETATM 674 O O   . HOH B 2 .  ? -10.421 4.452   7.970   1.00 44.89 ? 133 HOH A O   1 
HETATM 675 O O   . HOH B 2 .  ? 7.581   -3.345  6.334   1.00 46.95 ? 134 HOH A O   1 
HETATM 676 O O   . HOH B 2 .  ? 5.676   5.298   -12.446 1.00 47.69 ? 135 HOH A O   1 
HETATM 677 O O   . HOH B 2 .  ? 1.825   -7.809  -3.271  1.00 45.72 ? 136 HOH A O   1 
HETATM 678 O O   . HOH B 2 .  ? 11.427  10.697  -5.789  1.00 51.64 ? 137 HOH A O   1 
HETATM 679 O O   . HOH B 2 .  ? 4.735   13.455  -11.163 1.00 49.08 ? 138 HOH A O   1 
HETATM 680 O O   . HOH B 2 .  ? -5.287  1.472   -8.457  1.00 49.56 ? 139 HOH A O   1 
HETATM 681 O O   . HOH B 2 .  ? 10.010  1.846   -11.392 1.00 52.49 ? 140 HOH A O   1 
HETATM 682 O O   . HOH B 2 .  ? 2.145   -8.138  -0.506  1.00 52.16 ? 141 HOH A O   1 
HETATM 683 O O   . HOH B 2 .  ? -3.729  5.994   0.308   1.00 52.80 ? 142 HOH A O   1 
HETATM 684 O O   . HOH B 2 .  ? -18.506 -5.568  7.141   1.00 62.67 ? 143 HOH A O   1 
HETATM 685 O O   . HOH B 2 .  ? -17.126 -1.922  -2.459  1.00 50.77 ? 144 HOH A O   1 
HETATM 686 O O   . HOH B 2 .  ? 11.887  -9.977  -2.359  1.00 51.50 ? 145 HOH A O   1 
HETATM 687 O O   . HOH B 2 .  ? 16.438  -1.981  5.096   1.00 48.03 ? 146 HOH A O   1 
HETATM 688 O O   . HOH B 2 .  ? 14.440  2.162   2.898   1.00 57.46 ? 147 HOH A O   1 
HETATM 689 O O   . HOH B 2 .  ? 10.908  -0.466  5.875   1.00 58.63 ? 148 HOH A O   1 
HETATM 690 O O   . HOH B 2 .  ? -1.550  7.247   3.806   1.00 55.08 ? 149 HOH A O   1 
HETATM 691 O O   . HOH B 2 .  ? 7.396   -8.618  -4.861  1.00 58.69 ? 150 HOH A O   1 
HETATM 692 O O   . HOH B 2 .  ? -5.945  -11.529 -0.037  1.00 60.80 ? 151 HOH A O   1 
HETATM 693 O O   . HOH B 2 .  ? 7.145   -0.227  -13.070 1.00 62.24 ? 152 HOH A O   1 
HETATM 694 O O   . HOH B 2 .  ? 10.575  14.781  3.756   1.00 55.04 ? 153 HOH A O   1 
HETATM 695 O O   . HOH B 2 .  ? -0.685  -8.846  -0.553  1.00 54.96 ? 154 HOH A O   1 
# 
